data_8IA9
#
_entry.id   8IA9
#
_cell.length_a   134.114
_cell.length_b   134.114
_cell.length_c   159.718
_cell.angle_alpha   90.00
_cell.angle_beta   90.00
_cell.angle_gamma   90.00
#
_symmetry.space_group_name_H-M   'P 43 21 2'
#
loop_
_entity.id
_entity.type
_entity.pdbx_description
1 polymer 'Demethylmacrocin O-methyltransferase'
2 non-polymer 'MAGNESIUM ION'
3 water water
#
_entity_poly.entity_id   1
_entity_poly.type   'polypeptide(L)'
_entity_poly.pdbx_seq_one_letter_code
;MSTTHEIETVERIILAAGSSAASLADLTTELGLARIAPVLIDEILFRAEPAPDIERTEVAVQITHRGETVDFVLTLQSGE
LIKAEQRPVGDVPLRIGYELTDLIAELFGPGAPRAVGARSTNFLRTTTSGSIPGPSELSDGFQAISAVVAGCGHRRPDLN
LLASHYRTDKWGGLHWFTPLYERHLGEFRDRPVRILEIGVGGYNFDGGGGESLKMWKRYFHRGLVFGMDVFDKSFLDQQR
LCTVRADQSKPEELAAVDDKYGPFDIIIDDGSHINGHVRTSLETLFPRLRSGGVYVIEDLWTTYAPGFGGQAQCPAAPGT
TVSLLKNLLEGVQHEEQPHAGSYEPSYLERNLVGLHTYHNIAFLEKGVNAEGGVPAWVPRSLDDILHLADVNSAEDE
;
_entity_poly.pdbx_strand_id   A,B
#
# COMPACT_ATOMS: atom_id res chain seq x y z
N THR A 4 -4.02 20.86 -25.95
CA THR A 4 -2.93 21.18 -24.98
C THR A 4 -3.38 22.31 -24.04
N HIS A 5 -4.63 22.77 -24.17
CA HIS A 5 -5.28 23.75 -23.24
C HIS A 5 -6.02 22.95 -22.16
N GLU A 6 -6.33 21.68 -22.42
CA GLU A 6 -7.03 20.76 -21.50
C GLU A 6 -6.03 20.19 -20.49
N ILE A 7 -4.77 20.00 -20.92
CA ILE A 7 -3.64 19.52 -20.06
C ILE A 7 -3.32 20.59 -19.01
N GLU A 8 -3.37 21.87 -19.40
CA GLU A 8 -2.95 23.02 -18.57
C GLU A 8 -4.01 23.28 -17.48
N THR A 9 -5.28 22.95 -17.74
CA THR A 9 -6.41 23.12 -16.80
C THR A 9 -6.30 22.10 -15.65
N VAL A 10 -5.98 20.85 -15.99
CA VAL A 10 -5.72 19.75 -15.01
C VAL A 10 -4.48 20.12 -14.18
N GLU A 11 -3.41 20.57 -14.84
CA GLU A 11 -2.15 20.95 -14.16
C GLU A 11 -2.48 22.03 -13.12
N ARG A 12 -3.39 22.95 -13.45
CA ARG A 12 -3.72 24.09 -12.53
C ARG A 12 -4.50 23.55 -11.33
N ILE A 13 -5.43 22.62 -11.56
CA ILE A 13 -6.23 21.98 -10.49
C ILE A 13 -5.29 21.16 -9.58
N ILE A 14 -4.29 20.49 -10.18
CA ILE A 14 -3.29 19.67 -9.45
C ILE A 14 -2.41 20.58 -8.56
N LEU A 15 -1.86 21.65 -9.12
CA LEU A 15 -1.00 22.60 -8.37
C LEU A 15 -1.82 23.26 -7.26
N ALA A 16 -3.05 23.70 -7.54
CA ALA A 16 -3.90 24.39 -6.54
C ALA A 16 -4.13 23.46 -5.34
N ALA A 17 -4.32 22.17 -5.62
CA ALA A 17 -4.54 21.08 -4.63
C ALA A 17 -3.39 21.02 -3.63
N GLY A 18 -2.18 21.50 -4.00
CA GLY A 18 -0.99 21.45 -3.14
C GLY A 18 -0.49 22.84 -2.75
N SER A 19 -1.36 23.83 -2.73
CA SER A 19 -1.01 25.27 -2.55
C SER A 19 -1.75 25.83 -1.31
N SER A 20 -1.98 27.14 -1.26
CA SER A 20 -2.70 27.79 -0.13
C SER A 20 -4.22 27.63 -0.31
N ALA A 21 -5.00 27.81 0.76
CA ALA A 21 -6.47 27.90 0.68
C ALA A 21 -6.88 29.04 -0.27
N ALA A 22 -6.16 30.17 -0.24
CA ALA A 22 -6.42 31.37 -1.07
C ALA A 22 -6.27 31.02 -2.56
N SER A 23 -5.22 30.27 -2.89
CA SER A 23 -4.86 29.90 -4.27
C SER A 23 -5.90 28.92 -4.82
N LEU A 24 -6.39 28.04 -3.95
CA LEU A 24 -7.39 27.01 -4.34
C LEU A 24 -8.76 27.68 -4.46
N ALA A 25 -9.01 28.71 -3.64
CA ALA A 25 -10.25 29.52 -3.68
C ALA A 25 -10.26 30.35 -4.98
N ASP A 26 -9.13 30.98 -5.34
CA ASP A 26 -8.98 31.74 -6.59
C ASP A 26 -9.28 30.82 -7.78
N LEU A 27 -8.75 29.61 -7.80
CA LEU A 27 -8.90 28.73 -8.99
C LEU A 27 -10.34 28.26 -9.11
N THR A 28 -10.94 27.81 -8.00
CA THR A 28 -12.32 27.27 -8.05
C THR A 28 -13.28 28.38 -8.49
N THR A 29 -13.02 29.63 -8.08
CA THR A 29 -13.80 30.84 -8.46
C THR A 29 -13.66 31.08 -9.97
N GLU A 30 -12.44 31.11 -10.50
CA GLU A 30 -12.19 31.36 -11.94
C GLU A 30 -12.85 30.29 -12.82
N LEU A 31 -12.50 29.02 -12.63
CA LEU A 31 -12.91 27.91 -13.52
C LEU A 31 -14.39 27.63 -13.28
N GLY A 32 -14.79 27.55 -12.01
CA GLY A 32 -16.14 27.13 -11.57
C GLY A 32 -16.28 25.62 -11.44
N LEU A 33 -17.27 25.18 -10.66
CA LEU A 33 -17.64 23.76 -10.46
C LEU A 33 -17.91 23.07 -11.81
N ALA A 34 -18.63 23.73 -12.73
CA ALA A 34 -19.11 23.08 -13.97
C ALA A 34 -17.92 22.60 -14.81
N ARG A 35 -16.82 23.35 -14.79
CA ARG A 35 -15.60 23.05 -15.59
C ARG A 35 -14.71 22.02 -14.85
N ILE A 36 -14.61 22.12 -13.51
CA ILE A 36 -13.69 21.28 -12.68
C ILE A 36 -14.28 19.88 -12.48
N ALA A 37 -15.59 19.79 -12.27
CA ALA A 37 -16.29 18.56 -11.85
C ALA A 37 -15.97 17.41 -12.80
N PRO A 38 -16.13 17.58 -14.12
CA PRO A 38 -15.96 16.45 -15.04
C PRO A 38 -14.52 15.91 -15.00
N VAL A 39 -13.55 16.77 -14.67
CA VAL A 39 -12.10 16.41 -14.55
C VAL A 39 -11.94 15.49 -13.34
N LEU A 40 -12.65 15.80 -12.24
CA LEU A 40 -12.63 15.00 -11.01
C LEU A 40 -13.35 13.68 -11.27
N ILE A 41 -14.46 13.69 -12.02
CA ILE A 41 -15.24 12.45 -12.36
C ILE A 41 -14.36 11.54 -13.24
N ASP A 42 -13.61 12.12 -14.15
CA ASP A 42 -12.75 11.34 -15.09
C ASP A 42 -11.73 10.54 -14.26
N GLU A 43 -11.12 11.17 -13.24
CA GLU A 43 -10.13 10.53 -12.35
C GLU A 43 -10.80 9.38 -11.58
N ILE A 44 -11.98 9.63 -11.03
CA ILE A 44 -12.65 8.60 -10.18
C ILE A 44 -12.90 7.34 -11.03
N LEU A 45 -13.34 7.51 -12.28
CA LEU A 45 -13.58 6.36 -13.20
C LEU A 45 -12.27 5.61 -13.44
N PHE A 46 -11.19 6.36 -13.64
CA PHE A 46 -9.85 5.81 -13.97
C PHE A 46 -9.28 5.03 -12.77
N ARG A 47 -9.47 5.53 -11.55
CA ARG A 47 -8.86 4.93 -10.33
C ARG A 47 -9.76 3.89 -9.65
N ALA A 48 -11.06 3.86 -9.94
CA ALA A 48 -12.01 2.94 -9.27
C ALA A 48 -12.02 1.63 -10.04
N GLU A 49 -11.63 1.70 -11.30
CA GLU A 49 -11.50 0.54 -12.20
C GLU A 49 -10.58 -0.48 -11.52
N PRO A 50 -10.91 -1.79 -11.54
CA PRO A 50 -12.09 -2.29 -12.23
C PRO A 50 -13.29 -2.49 -11.28
N ALA A 51 -14.49 -2.49 -11.84
CA ALA A 51 -15.73 -2.86 -11.12
C ALA A 51 -15.52 -4.23 -10.48
N PRO A 52 -15.99 -4.44 -9.23
CA PRO A 52 -15.97 -5.78 -8.64
C PRO A 52 -16.97 -6.70 -9.34
N ASP A 53 -16.93 -8.00 -9.03
CA ASP A 53 -17.76 -9.06 -9.66
C ASP A 53 -19.19 -8.96 -9.11
N ILE A 54 -19.99 -8.00 -9.60
CA ILE A 54 -21.36 -7.69 -9.07
C ILE A 54 -22.33 -7.40 -10.23
N GLU A 55 -23.62 -7.34 -9.90
CA GLU A 55 -24.71 -7.03 -10.88
C GLU A 55 -24.91 -5.52 -10.93
N ARG A 56 -25.28 -5.00 -12.09
CA ARG A 56 -25.50 -3.55 -12.33
C ARG A 56 -25.92 -2.88 -11.01
N THR A 57 -25.03 -2.03 -10.46
CA THR A 57 -25.30 -1.25 -9.23
C THR A 57 -24.93 0.22 -9.48
N GLU A 58 -25.78 1.14 -9.04
CA GLU A 58 -25.62 2.59 -9.23
C GLU A 58 -25.10 3.21 -7.94
N VAL A 59 -24.09 4.08 -8.07
CA VAL A 59 -23.51 4.86 -6.93
C VAL A 59 -23.53 6.32 -7.33
N ALA A 60 -24.02 7.18 -6.44
CA ALA A 60 -24.15 8.63 -6.67
C ALA A 60 -22.97 9.36 -6.04
N VAL A 61 -22.42 10.34 -6.75
CA VAL A 61 -21.35 11.23 -6.24
C VAL A 61 -21.86 12.66 -6.41
N GLN A 62 -22.06 13.38 -5.32
CA GLN A 62 -22.53 14.79 -5.32
C GLN A 62 -21.35 15.68 -4.98
N ILE A 63 -21.17 16.77 -5.73
CA ILE A 63 -20.05 17.72 -5.48
C ILE A 63 -20.64 19.10 -5.32
N THR A 64 -20.38 19.76 -4.19
CA THR A 64 -20.95 21.09 -3.89
C THR A 64 -19.82 22.11 -3.74
N HIS A 65 -20.08 23.35 -4.18
CA HIS A 65 -19.15 24.51 -4.02
C HIS A 65 -19.97 25.81 -3.98
N ARG A 66 -19.80 26.56 -2.89
CA ARG A 66 -20.34 27.93 -2.72
C ARG A 66 -21.78 28.00 -3.27
N GLY A 67 -22.63 27.05 -2.87
CA GLY A 67 -24.07 27.05 -3.15
C GLY A 67 -24.44 26.29 -4.42
N GLU A 68 -23.46 26.05 -5.30
CA GLU A 68 -23.68 25.26 -6.55
C GLU A 68 -23.43 23.79 -6.21
N THR A 69 -24.28 22.89 -6.68
CA THR A 69 -24.10 21.43 -6.47
C THR A 69 -24.34 20.72 -7.80
N VAL A 70 -23.55 19.70 -8.11
CA VAL A 70 -23.70 18.88 -9.33
C VAL A 70 -23.54 17.40 -8.94
N ASP A 71 -24.48 16.60 -9.42
CA ASP A 71 -24.70 15.17 -9.06
C ASP A 71 -24.30 14.31 -10.25
N PHE A 72 -23.68 13.18 -9.97
CA PHE A 72 -23.30 12.24 -11.03
C PHE A 72 -23.74 10.87 -10.52
N VAL A 73 -24.15 10.00 -11.43
CA VAL A 73 -24.51 8.61 -11.03
C VAL A 73 -23.57 7.69 -11.79
N LEU A 74 -22.91 6.81 -11.06
CA LEU A 74 -21.94 5.90 -11.69
C LEU A 74 -22.56 4.51 -11.72
N THR A 75 -22.33 3.79 -12.81
CA THR A 75 -22.89 2.43 -12.98
C THR A 75 -21.75 1.41 -12.99
N LEU A 76 -21.72 0.52 -12.00
CA LEU A 76 -20.69 -0.53 -11.84
C LEU A 76 -21.35 -1.89 -12.11
N GLN A 77 -20.67 -2.71 -12.92
CA GLN A 77 -21.16 -4.05 -13.34
C GLN A 77 -19.94 -4.92 -13.67
N SER A 78 -19.94 -6.15 -13.18
CA SER A 78 -18.89 -7.17 -13.39
C SER A 78 -18.47 -7.21 -14.86
N GLY A 79 -17.19 -6.88 -15.12
CA GLY A 79 -16.53 -7.03 -16.43
C GLY A 79 -16.81 -5.89 -17.39
N GLU A 80 -17.47 -4.82 -16.94
CA GLU A 80 -17.85 -3.66 -17.79
C GLU A 80 -17.10 -2.39 -17.34
N LEU A 81 -16.77 -1.52 -18.29
CA LEU A 81 -16.25 -0.15 -18.03
C LEU A 81 -17.25 0.59 -17.13
N ILE A 82 -16.75 1.20 -16.06
CA ILE A 82 -17.57 2.08 -15.17
C ILE A 82 -18.00 3.30 -15.97
N LYS A 83 -19.30 3.61 -15.96
CA LYS A 83 -19.85 4.82 -16.61
C LYS A 83 -20.24 5.84 -15.54
N ALA A 84 -20.48 7.07 -15.97
CA ALA A 84 -20.96 8.18 -15.12
C ALA A 84 -21.84 9.09 -15.96
N GLU A 85 -22.97 9.56 -15.42
CA GLU A 85 -23.81 10.58 -16.10
C GLU A 85 -24.21 11.65 -15.07
N GLN A 86 -24.15 12.92 -15.46
CA GLN A 86 -24.71 14.02 -14.66
C GLN A 86 -26.24 13.89 -14.66
N ARG A 87 -26.76 13.27 -13.61
CA ARG A 87 -28.17 12.85 -13.42
C ARG A 87 -28.61 13.21 -12.01
N PRO A 88 -29.94 13.30 -11.74
CA PRO A 88 -30.44 13.42 -10.38
C PRO A 88 -30.17 12.09 -9.65
N VAL A 89 -30.04 12.17 -8.33
CA VAL A 89 -29.57 11.04 -7.48
C VAL A 89 -30.70 10.61 -6.54
N GLY A 90 -31.89 11.23 -6.68
CA GLY A 90 -33.04 11.03 -5.77
C GLY A 90 -33.34 9.56 -5.48
N ASP A 91 -33.27 8.69 -6.50
CA ASP A 91 -33.75 7.28 -6.43
C ASP A 91 -32.58 6.31 -6.21
N VAL A 92 -31.36 6.83 -6.08
CA VAL A 92 -30.12 6.02 -5.91
C VAL A 92 -29.79 5.95 -4.42
N PRO A 93 -29.91 4.76 -3.79
CA PRO A 93 -29.73 4.62 -2.34
C PRO A 93 -28.27 4.55 -1.86
N LEU A 94 -27.31 4.46 -2.78
CA LEU A 94 -25.84 4.49 -2.48
C LEU A 94 -25.28 5.85 -2.92
N ARG A 95 -24.91 6.68 -1.95
CA ARG A 95 -24.49 8.06 -2.31
C ARG A 95 -23.20 8.48 -1.60
N ILE A 96 -22.38 9.30 -2.28
CA ILE A 96 -21.15 9.87 -1.69
C ILE A 96 -21.21 11.38 -1.88
N GLY A 97 -20.96 12.14 -0.81
CA GLY A 97 -21.01 13.61 -0.89
C GLY A 97 -19.68 14.27 -0.59
N TYR A 98 -19.27 15.20 -1.45
CA TYR A 98 -17.98 15.89 -1.28
C TYR A 98 -18.05 17.39 -1.51
N GLU A 99 -17.34 18.15 -0.69
CA GLU A 99 -17.17 19.58 -0.98
C GLU A 99 -16.08 19.60 -2.07
N LEU A 100 -16.09 20.60 -2.96
CA LEU A 100 -15.14 20.64 -4.11
C LEU A 100 -13.68 20.70 -3.63
N THR A 101 -13.41 21.52 -2.63
CA THR A 101 -12.02 21.68 -2.14
C THR A 101 -11.54 20.36 -1.53
N ASP A 102 -12.42 19.60 -0.87
CA ASP A 102 -12.07 18.28 -0.27
C ASP A 102 -11.76 17.25 -1.36
N LEU A 103 -12.65 17.12 -2.35
CA LEU A 103 -12.49 16.14 -3.46
C LEU A 103 -11.26 16.50 -4.32
N ILE A 104 -10.90 17.78 -4.45
CA ILE A 104 -9.69 18.19 -5.19
C ILE A 104 -8.45 17.70 -4.43
N ALA A 105 -8.40 17.88 -3.11
CA ALA A 105 -7.25 17.45 -2.28
C ALA A 105 -7.21 15.92 -2.25
N GLU A 106 -8.36 15.26 -2.14
CA GLU A 106 -8.45 13.79 -2.04
C GLU A 106 -7.87 13.18 -3.32
N LEU A 107 -8.17 13.76 -4.48
CA LEU A 107 -7.65 13.23 -5.77
C LEU A 107 -6.23 13.70 -6.03
N PHE A 108 -5.95 15.01 -5.88
CA PHE A 108 -4.73 15.65 -6.43
C PHE A 108 -3.88 16.32 -5.35
N GLY A 109 -4.20 16.08 -4.09
CA GLY A 109 -3.41 16.63 -2.99
C GLY A 109 -2.17 15.77 -2.68
N PRO A 110 -1.06 16.40 -2.31
CA PRO A 110 0.03 15.67 -1.69
C PRO A 110 -0.34 15.33 -0.23
N GLY A 111 0.36 14.43 0.43
CA GLY A 111 0.14 14.26 1.88
C GLY A 111 -0.68 13.04 2.23
N ALA A 112 -0.54 12.60 3.47
CA ALA A 112 -1.13 11.34 3.99
C ALA A 112 -2.61 11.33 3.66
N PRO A 113 -3.10 10.27 2.99
CA PRO A 113 -4.54 10.06 2.83
C PRO A 113 -5.30 10.35 4.13
N ARG A 114 -6.39 11.13 4.01
CA ARG A 114 -7.25 11.50 5.14
C ARG A 114 -7.99 10.24 5.58
N ALA A 115 -7.97 9.94 6.88
CA ALA A 115 -8.54 8.69 7.43
C ALA A 115 -10.05 8.85 7.55
N VAL A 116 -10.54 10.08 7.66
CA VAL A 116 -11.94 10.35 8.12
C VAL A 116 -12.34 11.81 7.85
N GLY A 117 -13.63 12.04 7.60
CA GLY A 117 -14.26 13.37 7.55
C GLY A 117 -14.05 14.09 6.23
N ALA A 118 -13.66 13.39 5.16
CA ALA A 118 -13.43 14.01 3.85
C ALA A 118 -14.74 14.09 3.05
N ARG A 119 -15.72 13.26 3.40
CA ARG A 119 -16.94 13.06 2.57
C ARG A 119 -18.12 12.65 3.45
N SER A 120 -19.33 12.79 2.90
CA SER A 120 -20.60 12.24 3.43
C SER A 120 -20.87 10.93 2.71
N THR A 121 -21.70 10.07 3.27
CA THR A 121 -22.13 8.80 2.63
C THR A 121 -23.53 8.43 3.12
N ASN A 122 -24.41 8.04 2.19
CA ASN A 122 -25.73 7.44 2.50
C ASN A 122 -25.72 6.02 1.95
N PHE A 123 -25.76 5.02 2.82
CA PHE A 123 -25.75 3.58 2.47
C PHE A 123 -27.11 2.94 2.78
N LEU A 124 -27.90 2.67 1.74
CA LEU A 124 -29.18 1.91 1.81
C LEU A 124 -30.00 2.33 3.05
N ARG A 125 -30.25 3.62 3.24
CA ARG A 125 -31.19 4.11 4.29
C ARG A 125 -32.62 3.73 3.86
N THR A 126 -32.80 3.58 2.53
CA THR A 126 -34.03 3.08 1.86
C THR A 126 -33.63 1.91 0.96
N THR A 127 -34.45 0.85 0.91
CA THR A 127 -34.23 -0.35 0.05
C THR A 127 -35.41 -0.49 -0.92
N THR A 128 -35.19 -1.14 -2.07
CA THR A 128 -36.24 -1.48 -3.08
C THR A 128 -37.40 -2.19 -2.38
N SER A 129 -37.08 -3.18 -1.53
CA SER A 129 -38.05 -3.97 -0.72
C SER A 129 -38.79 -3.05 0.25
N GLY A 130 -38.06 -2.16 0.93
CA GLY A 130 -38.61 -1.12 1.82
C GLY A 130 -38.74 -1.57 3.26
N SER A 131 -38.15 -2.72 3.62
CA SER A 131 -38.16 -3.29 5.00
C SER A 131 -36.82 -3.96 5.32
N ILE A 132 -36.17 -4.60 4.34
CA ILE A 132 -34.83 -5.23 4.49
C ILE A 132 -34.27 -5.55 3.12
N PRO A 133 -32.97 -5.25 2.87
CA PRO A 133 -32.35 -5.56 1.58
C PRO A 133 -31.94 -7.04 1.46
N GLY A 134 -32.00 -7.57 0.24
CA GLY A 134 -31.61 -8.95 -0.09
C GLY A 134 -30.14 -9.21 0.24
N PRO A 135 -29.69 -10.48 0.27
CA PRO A 135 -28.28 -10.78 0.52
C PRO A 135 -27.42 -10.19 -0.60
N SER A 136 -27.91 -10.27 -1.85
CA SER A 136 -27.24 -9.78 -3.08
C SER A 136 -27.13 -8.25 -3.03
N GLU A 137 -28.27 -7.58 -2.83
CA GLU A 137 -28.42 -6.10 -2.80
C GLU A 137 -27.39 -5.48 -1.83
N LEU A 138 -27.25 -6.07 -0.65
CA LEU A 138 -26.39 -5.57 0.44
C LEU A 138 -24.92 -5.79 0.06
N SER A 139 -24.57 -7.04 -0.29
CA SER A 139 -23.20 -7.48 -0.67
C SER A 139 -22.70 -6.64 -1.86
N ASP A 140 -23.50 -6.53 -2.92
CA ASP A 140 -23.18 -5.74 -4.14
C ASP A 140 -23.03 -4.25 -3.76
N GLY A 141 -23.86 -3.75 -2.84
CA GLY A 141 -23.80 -2.37 -2.33
C GLY A 141 -22.46 -2.05 -1.71
N PHE A 142 -22.03 -2.87 -0.72
CA PHE A 142 -20.73 -2.75 -0.03
C PHE A 142 -19.61 -2.59 -1.07
N GLN A 143 -19.58 -3.50 -2.04
CA GLN A 143 -18.52 -3.58 -3.08
C GLN A 143 -18.55 -2.34 -3.97
N ALA A 144 -19.73 -1.94 -4.44
CA ALA A 144 -19.96 -0.81 -5.36
C ALA A 144 -19.42 0.48 -4.73
N ILE A 145 -19.94 0.83 -3.55
CA ILE A 145 -19.62 2.12 -2.89
C ILE A 145 -18.16 2.08 -2.39
N SER A 146 -17.63 0.89 -2.13
CA SER A 146 -16.22 0.69 -1.73
C SER A 146 -15.28 1.01 -2.90
N ALA A 147 -15.63 0.50 -4.09
CA ALA A 147 -14.83 0.67 -5.31
C ALA A 147 -14.76 2.16 -5.67
N VAL A 148 -15.90 2.84 -5.62
CA VAL A 148 -16.01 4.28 -5.99
C VAL A 148 -15.23 5.12 -4.97
N VAL A 149 -15.37 4.81 -3.67
CA VAL A 149 -14.63 5.54 -2.60
C VAL A 149 -13.11 5.36 -2.80
N ALA A 150 -12.62 4.16 -3.13
CA ALA A 150 -11.19 3.92 -3.40
C ALA A 150 -10.73 4.77 -4.59
N GLY A 151 -11.63 5.07 -5.51
CA GLY A 151 -11.26 5.86 -6.69
C GLY A 151 -11.23 7.34 -6.36
N CYS A 152 -11.74 7.76 -5.20
CA CYS A 152 -11.92 9.19 -4.87
C CYS A 152 -10.70 9.77 -4.14
N GLY A 153 -9.62 8.99 -4.00
CA GLY A 153 -8.47 9.38 -3.16
C GLY A 153 -7.11 9.04 -3.77
N HIS A 154 -6.05 9.14 -2.99
CA HIS A 154 -4.65 8.98 -3.46
C HIS A 154 -3.86 8.06 -2.53
N ARG A 155 -4.53 7.07 -1.94
CA ARG A 155 -3.90 6.08 -1.03
C ARG A 155 -2.79 5.34 -1.80
N ARG A 156 -1.60 5.21 -1.24
CA ARG A 156 -0.45 4.57 -1.91
C ARG A 156 -0.88 3.26 -2.57
N PRO A 157 -0.69 3.12 -3.89
CA PRO A 157 -0.89 1.84 -4.56
C PRO A 157 0.40 1.02 -4.52
N ASP A 158 0.28 -0.31 -4.63
CA ASP A 158 1.39 -1.27 -4.80
C ASP A 158 1.80 -1.25 -6.28
N LEU A 159 2.95 -0.68 -6.63
CA LEU A 159 3.33 -0.53 -8.06
C LEU A 159 3.44 -1.92 -8.72
N ASN A 160 3.74 -2.98 -7.96
CA ASN A 160 3.81 -4.37 -8.50
C ASN A 160 2.42 -4.79 -9.01
N LEU A 161 1.37 -4.55 -8.21
CA LEU A 161 -0.02 -4.93 -8.57
C LEU A 161 -0.51 -4.06 -9.74
N LEU A 162 -0.14 -2.78 -9.76
CA LEU A 162 -0.52 -1.87 -10.86
C LEU A 162 0.02 -2.45 -12.17
N ALA A 163 1.28 -2.88 -12.17
CA ALA A 163 1.95 -3.42 -13.38
C ALA A 163 1.20 -4.67 -13.87
N SER A 164 0.75 -5.53 -12.97
CA SER A 164 0.04 -6.78 -13.33
C SER A 164 -1.36 -6.42 -13.84
N HIS A 165 -2.04 -5.50 -13.16
CA HIS A 165 -3.40 -5.03 -13.53
C HIS A 165 -3.37 -4.36 -14.90
N TYR A 166 -2.39 -3.50 -15.17
CA TYR A 166 -2.30 -2.74 -16.44
C TYR A 166 -1.61 -3.58 -17.52
N ARG A 167 -1.12 -4.76 -17.13
CA ARG A 167 -0.49 -5.79 -18.02
C ARG A 167 0.71 -5.18 -18.75
N THR A 168 1.61 -4.53 -18.01
CA THR A 168 2.94 -4.05 -18.50
C THR A 168 3.98 -5.10 -18.12
N ASP A 169 5.07 -5.16 -18.90
CA ASP A 169 6.16 -6.15 -18.73
C ASP A 169 7.19 -5.63 -17.70
N LYS A 170 6.84 -4.60 -16.93
CA LYS A 170 7.78 -4.01 -15.94
C LYS A 170 7.85 -4.89 -14.68
N TRP A 171 6.91 -5.81 -14.53
CA TRP A 171 6.85 -6.75 -13.38
C TRP A 171 6.26 -8.09 -13.84
N GLY A 172 6.73 -9.19 -13.25
CA GLY A 172 6.03 -10.49 -13.26
C GLY A 172 6.52 -11.46 -14.32
N GLY A 173 7.80 -11.42 -14.70
CA GLY A 173 8.33 -12.43 -15.63
C GLY A 173 9.59 -11.99 -16.33
N LEU A 174 9.43 -11.19 -17.38
CA LEU A 174 10.59 -10.70 -18.18
C LEU A 174 11.42 -9.75 -17.32
N HIS A 175 10.76 -8.97 -16.45
CA HIS A 175 11.42 -7.94 -15.61
C HIS A 175 10.83 -7.93 -14.22
N TRP A 176 11.62 -7.51 -13.23
CA TRP A 176 11.23 -7.36 -11.80
C TRP A 176 11.61 -5.95 -11.35
N PHE A 177 11.21 -4.93 -12.12
CA PHE A 177 11.70 -3.54 -11.99
C PHE A 177 10.93 -2.76 -10.91
N THR A 178 9.62 -2.99 -10.79
CA THR A 178 8.70 -2.04 -10.11
C THR A 178 9.15 -1.72 -8.69
N PRO A 179 9.82 -2.60 -7.92
CA PRO A 179 10.22 -2.23 -6.57
C PRO A 179 11.46 -1.31 -6.60
N LEU A 180 12.26 -1.41 -7.66
CA LEU A 180 13.42 -0.51 -7.94
C LEU A 180 12.93 0.88 -8.34
N TYR A 181 11.77 0.93 -9.00
CA TYR A 181 11.07 2.20 -9.32
C TYR A 181 10.48 2.81 -8.03
N GLU A 182 9.95 1.98 -7.13
CA GLU A 182 9.38 2.47 -5.87
C GLU A 182 10.54 3.06 -5.06
N ARG A 183 11.68 2.42 -5.15
CA ARG A 183 12.87 2.84 -4.35
C ARG A 183 13.37 4.20 -4.82
N HIS A 184 13.47 4.42 -6.12
CA HIS A 184 14.14 5.60 -6.74
C HIS A 184 13.17 6.69 -7.18
N LEU A 185 11.89 6.37 -7.41
CA LEU A 185 10.87 7.39 -7.81
C LEU A 185 9.88 7.65 -6.68
N GLY A 186 9.74 6.72 -5.73
CA GLY A 186 8.77 6.83 -4.64
C GLY A 186 8.73 8.21 -4.01
N GLU A 187 9.89 8.85 -3.84
CA GLU A 187 9.95 10.16 -3.11
C GLU A 187 9.29 11.25 -3.97
N PHE A 188 8.81 10.93 -5.17
CA PHE A 188 8.22 11.93 -6.11
C PHE A 188 6.72 11.69 -6.30
N ARG A 189 6.17 10.67 -5.64
CA ARG A 189 4.74 10.29 -5.80
C ARG A 189 3.87 11.51 -5.52
N ASP A 190 4.21 12.29 -4.50
CA ASP A 190 3.41 13.43 -4.00
C ASP A 190 3.67 14.70 -4.84
N ARG A 191 4.71 14.69 -5.67
CA ARG A 191 5.16 15.89 -6.43
C ARG A 191 4.37 15.99 -7.72
N PRO A 192 4.16 17.21 -8.25
CA PRO A 192 3.48 17.40 -9.53
C PRO A 192 4.46 17.11 -10.66
N VAL A 193 4.75 15.84 -10.93
CA VAL A 193 5.83 15.47 -11.89
C VAL A 193 5.35 15.59 -13.33
N ARG A 194 6.30 15.82 -14.23
CA ARG A 194 6.20 15.52 -15.68
C ARG A 194 7.19 14.38 -15.97
N ILE A 195 6.67 13.20 -16.25
CA ILE A 195 7.49 11.99 -16.54
C ILE A 195 7.39 11.70 -18.05
N LEU A 196 8.55 11.51 -18.69
CA LEU A 196 8.66 11.06 -20.10
C LEU A 196 9.11 9.59 -20.13
N GLU A 197 8.34 8.73 -20.76
CA GLU A 197 8.74 7.34 -21.07
C GLU A 197 8.92 7.24 -22.58
N ILE A 198 10.17 7.01 -22.99
CA ILE A 198 10.54 6.85 -24.42
C ILE A 198 10.23 5.41 -24.81
N GLY A 199 9.37 5.22 -25.81
CA GLY A 199 8.90 3.90 -26.26
C GLY A 199 7.52 3.57 -25.71
N VAL A 200 6.53 3.52 -26.60
CA VAL A 200 5.11 3.25 -26.21
C VAL A 200 4.74 1.81 -26.59
N GLY A 201 5.35 1.26 -27.65
CA GLY A 201 5.17 -0.14 -28.07
C GLY A 201 3.70 -0.52 -28.23
N GLY A 208 -2.00 -1.23 -29.66
CA GLY A 208 -0.87 -1.90 -28.99
C GLY A 208 0.00 -0.91 -28.23
N GLY A 209 0.22 -1.17 -26.93
CA GLY A 209 1.08 -0.35 -26.04
C GLY A 209 0.30 0.58 -25.13
N GLY A 210 1.00 1.38 -24.33
CA GLY A 210 0.42 2.38 -23.42
C GLY A 210 0.20 1.82 -22.02
N GLU A 211 0.38 0.52 -21.84
CA GLU A 211 0.15 -0.14 -20.53
C GLU A 211 0.94 0.60 -19.46
N SER A 212 2.24 0.82 -19.66
CA SER A 212 3.12 1.44 -18.64
C SER A 212 2.73 2.91 -18.42
N LEU A 213 2.23 3.58 -19.45
CA LEU A 213 1.75 5.00 -19.34
C LEU A 213 0.58 5.06 -18.35
N LYS A 214 -0.37 4.13 -18.45
CA LYS A 214 -1.54 4.04 -17.54
C LYS A 214 -1.04 3.72 -16.13
N MET A 215 -0.06 2.83 -15.99
CA MET A 215 0.57 2.49 -14.70
C MET A 215 1.10 3.77 -14.04
N TRP A 216 1.87 4.58 -14.78
CA TRP A 216 2.50 5.83 -14.26
C TRP A 216 1.40 6.85 -13.92
N LYS A 217 0.35 6.93 -14.74
CA LYS A 217 -0.78 7.85 -14.48
C LYS A 217 -1.38 7.51 -13.10
N ARG A 218 -1.54 6.22 -12.82
CA ARG A 218 -2.22 5.73 -11.58
C ARG A 218 -1.30 5.95 -10.36
N TYR A 219 0.00 5.79 -10.56
CA TYR A 219 1.03 5.86 -9.50
C TYR A 219 1.24 7.33 -9.10
N PHE A 220 1.56 8.18 -10.07
CA PHE A 220 1.75 9.64 -9.85
C PHE A 220 0.39 10.33 -9.96
N HIS A 221 -0.37 10.36 -8.87
CA HIS A 221 -1.76 10.89 -8.84
C HIS A 221 -1.79 12.37 -9.19
N ARG A 222 -0.62 13.04 -9.13
CA ARG A 222 -0.49 14.49 -9.41
C ARG A 222 0.36 14.71 -10.66
N GLY A 223 0.64 13.65 -11.41
CA GLY A 223 1.59 13.69 -12.53
C GLY A 223 0.93 13.80 -13.89
N LEU A 224 1.70 14.36 -14.84
CA LEU A 224 1.41 14.42 -16.29
C LEU A 224 2.37 13.44 -16.99
N VAL A 225 1.82 12.46 -17.67
CA VAL A 225 2.59 11.33 -18.27
C VAL A 225 2.69 11.55 -19.78
N PHE A 226 3.91 11.44 -20.32
CA PHE A 226 4.26 11.67 -21.75
C PHE A 226 4.90 10.41 -22.33
N GLY A 227 4.27 9.85 -23.36
CA GLY A 227 4.74 8.65 -24.08
C GLY A 227 5.30 9.02 -25.44
N MET A 228 6.59 8.82 -25.65
CA MET A 228 7.30 9.23 -26.89
C MET A 228 7.62 8.00 -27.73
N ASP A 229 7.18 8.03 -29.00
CA ASP A 229 7.35 6.94 -29.97
C ASP A 229 7.33 7.54 -31.37
N VAL A 230 8.02 6.88 -32.32
CA VAL A 230 8.18 7.33 -33.72
C VAL A 230 6.85 7.11 -34.46
N PHE A 231 6.06 6.12 -34.02
CA PHE A 231 4.72 5.80 -34.55
C PHE A 231 3.63 6.55 -33.75
N ASP A 232 2.52 6.87 -34.43
CA ASP A 232 1.34 7.55 -33.83
C ASP A 232 0.72 6.64 -32.75
N LYS A 233 0.40 7.21 -31.60
CA LYS A 233 -0.21 6.52 -30.44
C LYS A 233 -1.29 7.43 -29.81
N SER A 234 -1.83 8.36 -30.60
CA SER A 234 -2.77 9.41 -30.13
C SER A 234 -4.09 8.77 -29.69
N PHE A 235 -4.29 7.49 -30.01
CA PHE A 235 -5.52 6.74 -29.63
C PHE A 235 -5.48 6.39 -28.13
N LEU A 236 -4.33 6.57 -27.48
CA LEU A 236 -4.15 6.31 -26.02
C LEU A 236 -4.39 7.61 -25.23
N ASP A 237 -4.29 8.76 -25.89
CA ASP A 237 -4.38 10.08 -25.19
C ASP A 237 -5.62 10.13 -24.30
N GLN A 238 -5.43 10.58 -23.07
CA GLN A 238 -6.49 10.74 -22.05
C GLN A 238 -5.96 11.71 -20.99
N GLN A 239 -6.82 12.11 -20.07
CA GLN A 239 -6.47 13.05 -18.98
C GLN A 239 -5.14 12.63 -18.32
N ARG A 240 -4.16 13.54 -18.36
CA ARG A 240 -2.87 13.42 -17.65
C ARG A 240 -1.97 12.45 -18.42
N LEU A 241 -2.30 12.18 -19.68
CA LEU A 241 -1.57 11.18 -20.50
C LEU A 241 -1.53 11.65 -21.96
N CYS A 242 -0.35 12.08 -22.39
CA CYS A 242 -0.16 12.62 -23.76
C CYS A 242 0.90 11.80 -24.49
N THR A 243 0.60 11.41 -25.73
CA THR A 243 1.57 10.68 -26.56
C THR A 243 2.22 11.66 -27.54
N VAL A 244 3.54 11.58 -27.71
CA VAL A 244 4.27 12.50 -28.61
C VAL A 244 4.99 11.68 -29.68
N ARG A 245 4.90 12.11 -30.94
CA ARG A 245 5.58 11.41 -32.05
C ARG A 245 6.95 12.06 -32.24
N ALA A 246 8.02 11.27 -32.10
CA ALA A 246 9.39 11.79 -32.24
C ALA A 246 10.38 10.62 -32.29
N ASP A 247 11.62 10.89 -32.70
CA ASP A 247 12.64 9.82 -32.85
C ASP A 247 13.77 10.08 -31.85
N GLN A 248 14.10 9.07 -31.06
CA GLN A 248 15.13 9.18 -30.00
C GLN A 248 16.53 9.08 -30.61
N SER A 249 16.64 8.94 -31.94
CA SER A 249 17.93 8.94 -32.67
C SER A 249 18.20 10.33 -33.28
N LYS A 250 17.24 11.26 -33.17
CA LYS A 250 17.34 12.62 -33.77
C LYS A 250 17.33 13.66 -32.65
N PRO A 251 18.50 14.22 -32.27
CA PRO A 251 18.57 15.15 -31.14
C PRO A 251 17.59 16.33 -31.23
N GLU A 252 17.21 16.74 -32.44
CA GLU A 252 16.36 17.94 -32.65
C GLU A 252 14.91 17.56 -32.32
N GLU A 253 14.52 16.30 -32.52
CA GLU A 253 13.14 15.82 -32.22
C GLU A 253 13.00 15.62 -30.70
N LEU A 254 14.06 15.17 -30.03
CA LEU A 254 14.11 15.04 -28.55
C LEU A 254 13.96 16.43 -27.93
N ALA A 255 14.70 17.40 -28.43
CA ALA A 255 14.68 18.80 -27.92
C ALA A 255 13.27 19.38 -28.07
N ALA A 256 12.59 19.07 -29.18
CA ALA A 256 11.23 19.58 -29.48
C ALA A 256 10.24 19.01 -28.44
N VAL A 257 10.41 17.74 -28.06
CA VAL A 257 9.60 17.08 -26.99
C VAL A 257 9.79 17.82 -25.67
N ASP A 258 11.03 18.19 -25.31
CA ASP A 258 11.32 18.88 -24.03
C ASP A 258 10.86 20.33 -24.11
N ASP A 259 10.97 20.94 -25.28
CA ASP A 259 10.60 22.37 -25.50
C ASP A 259 9.07 22.51 -25.40
N LYS A 260 8.32 21.47 -25.74
CA LYS A 260 6.84 21.53 -25.76
C LYS A 260 6.25 21.03 -24.44
N TYR A 261 6.79 19.97 -23.84
CA TYR A 261 6.07 19.23 -22.77
C TYR A 261 6.87 19.15 -21.46
N GLY A 262 8.11 19.63 -21.46
CA GLY A 262 9.02 19.53 -20.31
C GLY A 262 9.01 20.81 -19.48
N PRO A 263 9.96 20.97 -18.54
CA PRO A 263 10.99 19.96 -18.29
C PRO A 263 10.47 18.72 -17.57
N PHE A 264 11.21 17.60 -17.65
CA PHE A 264 10.79 16.32 -17.02
C PHE A 264 11.56 16.09 -15.70
N ASP A 265 10.85 15.66 -14.66
CA ASP A 265 11.42 15.24 -13.36
C ASP A 265 12.08 13.87 -13.54
N ILE A 266 11.45 13.03 -14.37
CA ILE A 266 11.82 11.60 -14.59
C ILE A 266 11.78 11.32 -16.09
N ILE A 267 12.79 10.61 -16.58
CA ILE A 267 12.87 10.15 -17.99
C ILE A 267 13.32 8.69 -17.96
N ILE A 268 12.52 7.84 -18.60
CA ILE A 268 12.75 6.38 -18.74
C ILE A 268 12.97 6.09 -20.22
N ASP A 269 14.08 5.42 -20.50
CA ASP A 269 14.41 4.89 -21.84
C ASP A 269 14.00 3.41 -21.92
N ASP A 270 12.81 3.13 -22.45
CA ASP A 270 12.29 1.77 -22.76
C ASP A 270 11.92 1.75 -24.24
N GLY A 271 12.80 2.28 -25.08
CA GLY A 271 12.57 2.45 -26.53
C GLY A 271 13.09 1.28 -27.35
N SER A 272 13.70 1.60 -28.49
CA SER A 272 14.27 0.65 -29.48
C SER A 272 15.32 -0.24 -28.81
N HIS A 273 16.04 0.30 -27.81
CA HIS A 273 17.15 -0.35 -27.07
C HIS A 273 18.40 -0.40 -27.95
N ILE A 274 18.36 0.23 -29.13
CA ILE A 274 19.51 0.40 -30.05
C ILE A 274 20.56 1.27 -29.35
N ASN A 275 21.76 0.72 -29.14
CA ASN A 275 22.86 1.31 -28.32
C ASN A 275 23.02 2.79 -28.68
N GLY A 276 23.10 3.13 -29.98
CA GLY A 276 23.29 4.50 -30.48
C GLY A 276 22.17 5.43 -30.04
N HIS A 277 20.91 5.01 -30.20
CA HIS A 277 19.70 5.74 -29.75
C HIS A 277 19.78 6.00 -28.24
N VAL A 278 20.11 4.97 -27.44
CA VAL A 278 20.22 5.08 -25.96
C VAL A 278 21.24 6.18 -25.63
N ARG A 279 22.37 6.20 -26.35
CA ARG A 279 23.48 7.16 -26.09
C ARG A 279 23.03 8.57 -26.51
N THR A 280 22.29 8.68 -27.61
CA THR A 280 21.88 9.99 -28.17
C THR A 280 20.84 10.61 -27.25
N SER A 281 19.86 9.82 -26.83
CA SER A 281 18.78 10.22 -25.90
C SER A 281 19.38 10.75 -24.60
N LEU A 282 20.39 10.08 -24.07
CA LEU A 282 21.02 10.51 -22.78
C LEU A 282 21.80 11.82 -22.99
N GLU A 283 22.59 11.90 -24.05
CA GLU A 283 23.42 13.08 -24.38
C GLU A 283 22.54 14.32 -24.56
N THR A 284 21.37 14.16 -25.17
CA THR A 284 20.45 15.29 -25.47
C THR A 284 19.59 15.63 -24.25
N LEU A 285 18.98 14.63 -23.60
CA LEU A 285 17.92 14.87 -22.57
C LEU A 285 18.50 15.03 -21.16
N PHE A 286 19.63 14.41 -20.82
CA PHE A 286 20.18 14.54 -19.43
C PHE A 286 20.38 16.01 -19.11
N PRO A 287 20.91 16.84 -20.04
CA PRO A 287 21.11 18.25 -19.75
C PRO A 287 19.80 19.02 -19.55
N ARG A 288 18.69 18.49 -20.06
CA ARG A 288 17.34 19.13 -19.98
C ARG A 288 16.55 18.59 -18.78
N LEU A 289 16.93 17.42 -18.26
CA LEU A 289 16.28 16.78 -17.08
C LEU A 289 16.37 17.74 -15.91
N ARG A 290 15.35 17.78 -15.06
CA ARG A 290 15.39 18.57 -13.80
C ARG A 290 16.63 18.13 -13.01
N SER A 291 17.39 19.06 -12.44
CA SER A 291 18.38 18.78 -11.38
C SER A 291 17.63 18.14 -10.18
N GLY A 292 18.18 17.07 -9.60
CA GLY A 292 17.47 16.30 -8.56
C GLY A 292 16.51 15.26 -9.14
N GLY A 293 16.31 15.30 -10.46
CA GLY A 293 15.54 14.32 -11.24
C GLY A 293 16.33 13.04 -11.54
N VAL A 294 15.66 12.06 -12.15
CA VAL A 294 16.20 10.70 -12.39
C VAL A 294 16.03 10.34 -13.86
N TYR A 295 17.08 9.77 -14.44
CA TYR A 295 17.12 9.21 -15.81
C TYR A 295 17.32 7.69 -15.73
N VAL A 296 16.44 6.93 -16.36
CA VAL A 296 16.45 5.45 -16.24
C VAL A 296 16.68 4.85 -17.63
N ILE A 297 17.49 3.80 -17.70
CA ILE A 297 17.67 2.99 -18.93
C ILE A 297 17.30 1.54 -18.61
N GLU A 298 16.22 1.05 -19.22
CA GLU A 298 15.77 -0.36 -19.11
C GLU A 298 16.47 -1.16 -20.20
N ASP A 299 16.57 -2.48 -20.00
CA ASP A 299 16.97 -3.47 -21.03
C ASP A 299 18.42 -3.21 -21.47
N LEU A 300 19.37 -3.34 -20.53
CA LEU A 300 20.82 -3.14 -20.79
C LEU A 300 21.38 -4.28 -21.66
N TRP A 301 20.67 -5.41 -21.71
CA TRP A 301 21.12 -6.66 -22.39
C TRP A 301 21.45 -6.40 -23.87
N THR A 302 20.76 -5.47 -24.52
CA THR A 302 20.98 -5.15 -25.96
C THR A 302 22.43 -4.67 -26.17
N THR A 303 23.11 -4.32 -25.08
CA THR A 303 24.57 -4.02 -25.06
C THR A 303 25.33 -5.11 -25.82
N TYR A 304 24.84 -6.35 -25.75
CA TYR A 304 25.53 -7.58 -26.21
C TYR A 304 24.91 -8.14 -27.50
N ALA A 305 23.94 -7.44 -28.09
CA ALA A 305 23.16 -7.94 -29.25
C ALA A 305 23.53 -7.16 -30.50
N PRO A 306 24.18 -7.81 -31.50
CA PRO A 306 24.62 -7.12 -32.71
C PRO A 306 23.46 -6.45 -33.47
N GLY A 307 22.28 -7.08 -33.42
CA GLY A 307 21.04 -6.61 -34.06
C GLY A 307 20.54 -5.29 -33.49
N PHE A 308 21.12 -4.82 -32.38
CA PHE A 308 20.76 -3.57 -31.66
C PHE A 308 21.93 -2.58 -31.67
N GLY A 309 22.95 -2.84 -32.49
CA GLY A 309 24.18 -2.02 -32.54
C GLY A 309 25.12 -2.38 -31.40
N GLY A 310 24.88 -3.54 -30.77
CA GLY A 310 25.72 -4.06 -29.68
C GLY A 310 26.82 -4.96 -30.22
N GLN A 311 27.80 -5.31 -29.37
CA GLN A 311 28.88 -6.28 -29.65
C GLN A 311 28.72 -7.46 -28.69
N ALA A 312 28.83 -8.68 -29.23
CA ALA A 312 28.72 -9.96 -28.50
C ALA A 312 30.09 -10.30 -27.89
N GLN A 313 30.62 -9.40 -27.07
CA GLN A 313 31.92 -9.61 -26.35
C GLN A 313 31.78 -9.11 -24.91
N CYS A 314 32.78 -9.42 -24.09
CA CYS A 314 32.87 -9.04 -22.65
C CYS A 314 34.34 -9.01 -22.25
N PRO A 315 34.87 -7.86 -21.76
CA PRO A 315 34.08 -6.67 -21.46
C PRO A 315 33.33 -6.06 -22.65
N ALA A 316 32.25 -5.34 -22.37
CA ALA A 316 31.37 -4.70 -23.38
C ALA A 316 32.18 -3.69 -24.19
N ALA A 317 31.88 -3.60 -25.48
CA ALA A 317 32.65 -2.80 -26.45
C ALA A 317 32.31 -1.32 -26.30
N PRO A 318 33.30 -0.41 -26.47
CA PRO A 318 33.02 1.01 -26.53
C PRO A 318 31.79 1.26 -27.41
N GLY A 319 30.91 2.18 -26.99
CA GLY A 319 29.69 2.55 -27.74
C GLY A 319 28.51 1.63 -27.42
N THR A 320 28.63 0.74 -26.43
CA THR A 320 27.50 -0.11 -25.96
C THR A 320 27.09 0.33 -24.57
N THR A 321 25.83 0.08 -24.20
CA THR A 321 25.18 0.68 -23.00
C THR A 321 26.00 0.32 -21.74
N VAL A 322 26.55 -0.89 -21.61
CA VAL A 322 27.26 -1.32 -20.37
C VAL A 322 28.60 -0.58 -20.29
N SER A 323 29.27 -0.36 -21.42
CA SER A 323 30.53 0.42 -21.50
C SER A 323 30.26 1.86 -21.06
N LEU A 324 29.13 2.41 -21.50
CA LEU A 324 28.68 3.79 -21.17
C LEU A 324 28.49 3.89 -19.64
N LEU A 325 27.83 2.91 -19.04
CA LEU A 325 27.55 2.87 -17.58
C LEU A 325 28.87 2.77 -16.81
N LYS A 326 29.87 2.06 -17.35
CA LYS A 326 31.20 1.89 -16.71
C LYS A 326 31.90 3.25 -16.70
N ASN A 327 31.79 4.00 -17.79
CA ASN A 327 32.48 5.31 -17.96
C ASN A 327 31.81 6.37 -17.06
N LEU A 328 30.48 6.36 -16.98
CA LEU A 328 29.68 7.19 -16.05
C LEU A 328 30.16 6.94 -14.61
N LEU A 329 30.38 5.68 -14.24
CA LEU A 329 30.81 5.28 -12.86
C LEU A 329 32.18 5.92 -12.57
N GLU A 330 33.10 5.86 -13.52
CA GLU A 330 34.43 6.52 -13.40
C GLU A 330 34.25 8.05 -13.45
N GLY A 331 33.24 8.51 -14.17
CA GLY A 331 32.95 9.95 -14.31
C GLY A 331 32.59 10.59 -12.98
N VAL A 332 31.98 9.84 -12.06
CA VAL A 332 31.50 10.39 -10.77
C VAL A 332 32.72 10.70 -9.90
N GLN A 333 33.85 10.03 -10.15
CA GLN A 333 35.12 10.23 -9.40
C GLN A 333 36.01 11.28 -10.08
N HIS A 334 35.47 12.06 -11.02
CA HIS A 334 36.29 12.88 -11.96
C HIS A 334 37.25 13.78 -11.19
N GLU A 335 36.86 14.26 -10.02
CA GLU A 335 37.68 15.22 -9.23
C GLU A 335 38.92 14.51 -8.67
N GLU A 336 38.95 13.17 -8.66
CA GLU A 336 40.02 12.39 -7.98
C GLU A 336 40.99 11.84 -9.03
N GLN A 337 40.57 11.84 -10.28
CA GLN A 337 41.37 11.43 -11.46
C GLN A 337 42.56 12.38 -11.64
N PRO A 338 43.73 11.87 -12.05
CA PRO A 338 44.85 12.74 -12.43
C PRO A 338 44.62 13.41 -13.78
N HIS A 339 44.84 14.72 -13.84
CA HIS A 339 44.69 15.47 -15.11
C HIS A 339 45.40 16.82 -14.94
N ALA A 340 45.34 17.65 -15.97
CA ALA A 340 45.93 19.01 -15.88
C ALA A 340 44.91 19.90 -15.18
N GLY A 341 45.37 20.88 -14.38
CA GLY A 341 44.39 21.81 -13.77
C GLY A 341 43.49 22.33 -14.86
N SER A 342 44.02 22.40 -16.09
CA SER A 342 43.25 22.93 -17.23
C SER A 342 42.01 22.07 -17.47
N TYR A 343 41.91 20.91 -16.82
CA TYR A 343 40.76 20.00 -17.11
C TYR A 343 39.42 20.63 -16.76
N GLU A 344 38.45 20.52 -17.66
CA GLU A 344 37.07 20.97 -17.38
C GLU A 344 36.16 19.74 -17.44
N PRO A 345 35.36 19.47 -16.40
CA PRO A 345 34.47 18.30 -16.40
C PRO A 345 33.34 18.31 -17.44
N SER A 346 33.09 17.17 -18.11
CA SER A 346 31.98 17.04 -19.09
C SER A 346 30.64 17.19 -18.37
N TYR A 347 29.55 17.39 -19.11
CA TYR A 347 28.22 17.62 -18.51
C TYR A 347 27.89 16.46 -17.56
N LEU A 348 28.21 15.23 -17.97
CA LEU A 348 27.84 14.00 -17.21
C LEU A 348 28.74 13.84 -15.98
N GLU A 349 30.00 14.23 -16.08
CA GLU A 349 30.95 14.17 -14.95
C GLU A 349 30.46 15.12 -13.85
N ARG A 350 29.93 16.26 -14.29
CA ARG A 350 29.60 17.42 -13.42
C ARG A 350 28.21 17.23 -12.79
N ASN A 351 27.31 16.48 -13.43
CA ASN A 351 25.84 16.51 -13.13
C ASN A 351 25.30 15.12 -12.74
N LEU A 352 26.14 14.08 -12.78
CA LEU A 352 25.76 12.71 -12.35
C LEU A 352 26.34 12.46 -10.95
N VAL A 353 25.47 12.44 -9.93
CA VAL A 353 25.85 12.39 -8.50
C VAL A 353 25.63 10.98 -7.93
N GLY A 354 24.81 10.17 -8.60
CA GLY A 354 24.54 8.78 -8.20
C GLY A 354 24.17 7.89 -9.36
N LEU A 355 24.78 6.70 -9.45
CA LEU A 355 24.50 5.69 -10.50
C LEU A 355 24.16 4.36 -9.83
N HIS A 356 22.95 3.85 -10.09
CA HIS A 356 22.38 2.65 -9.44
C HIS A 356 22.26 1.55 -10.50
N THR A 357 23.09 0.52 -10.40
CA THR A 357 23.08 -0.60 -11.38
C THR A 357 22.47 -1.85 -10.76
N TYR A 358 21.41 -2.35 -11.41
CA TYR A 358 20.78 -3.66 -11.10
C TYR A 358 20.72 -4.50 -12.37
N HIS A 359 20.08 -5.67 -12.30
CA HIS A 359 19.90 -6.58 -13.44
C HIS A 359 19.04 -5.90 -14.51
N ASN A 360 19.66 -5.51 -15.62
CA ASN A 360 18.98 -5.05 -16.86
C ASN A 360 18.40 -3.63 -16.72
N ILE A 361 18.75 -2.90 -15.67
CA ILE A 361 18.23 -1.50 -15.47
C ILE A 361 19.27 -0.69 -14.72
N ALA A 362 19.40 0.60 -15.09
CA ALA A 362 20.30 1.55 -14.43
C ALA A 362 19.55 2.87 -14.18
N PHE A 363 19.68 3.38 -12.95
CA PHE A 363 19.05 4.65 -12.50
C PHE A 363 20.16 5.68 -12.30
N LEU A 364 20.01 6.83 -12.97
CA LEU A 364 20.98 7.95 -12.95
C LEU A 364 20.37 9.12 -12.19
N GLU A 365 20.92 9.46 -11.03
CA GLU A 365 20.50 10.67 -10.28
C GLU A 365 21.24 11.89 -10.87
N LYS A 366 20.49 12.91 -11.26
CA LYS A 366 21.08 14.21 -11.63
C LYS A 366 21.13 15.10 -10.38
N GLY A 367 22.23 15.84 -10.29
CA GLY A 367 22.50 16.87 -9.27
C GLY A 367 23.86 17.49 -9.52
N VAL A 368 24.31 18.34 -8.60
CA VAL A 368 25.64 19.00 -8.68
C VAL A 368 26.65 18.03 -8.08
N ASN A 369 27.57 17.51 -8.89
CA ASN A 369 28.71 16.66 -8.43
C ASN A 369 29.95 17.54 -8.35
N ALA A 370 30.09 18.29 -7.27
CA ALA A 370 31.18 19.28 -7.04
C ALA A 370 31.42 19.46 -5.54
N GLU A 371 31.83 18.40 -4.84
CA GLU A 371 32.15 18.46 -3.39
C GLU A 371 33.64 18.76 -3.23
N GLY A 372 34.37 18.77 -4.35
CA GLY A 372 35.84 18.90 -4.36
C GLY A 372 36.52 17.56 -4.17
N GLY A 373 37.57 17.31 -4.94
CA GLY A 373 38.46 16.13 -4.87
C GLY A 373 39.28 16.16 -3.59
N VAL A 374 39.96 15.08 -3.26
CA VAL A 374 40.67 14.97 -1.96
C VAL A 374 41.75 16.05 -1.94
N PRO A 375 41.71 16.98 -0.96
CA PRO A 375 42.69 18.06 -0.88
C PRO A 375 44.15 17.59 -1.06
N ALA A 376 44.99 18.46 -1.60
CA ALA A 376 46.38 18.17 -1.98
C ALA A 376 47.23 18.00 -0.71
N TRP A 377 46.72 18.45 0.44
CA TRP A 377 47.41 18.35 1.76
C TRP A 377 47.15 16.99 2.43
N VAL A 378 46.34 16.12 1.82
CA VAL A 378 46.12 14.74 2.33
C VAL A 378 47.26 13.85 1.82
N PRO A 379 47.97 13.15 2.72
CA PRO A 379 49.09 12.30 2.34
C PRO A 379 48.73 11.25 1.27
N ARG A 380 49.66 10.97 0.35
CA ARG A 380 49.43 10.08 -0.83
C ARG A 380 50.36 8.86 -0.79
N SER A 381 51.02 8.61 0.36
CA SER A 381 52.09 7.58 0.53
C SER A 381 52.67 7.62 1.95
N LEU A 382 53.58 6.70 2.26
CA LEU A 382 54.46 6.76 3.47
C LEU A 382 55.57 7.79 3.21
N ASP A 383 55.73 8.19 1.94
CA ASP A 383 56.69 9.25 1.49
C ASP A 383 56.30 10.57 2.18
N ASP A 384 54.99 10.80 2.32
CA ASP A 384 54.39 12.05 2.87
C ASP A 384 54.14 11.89 4.38
N ILE A 385 53.82 10.67 4.83
CA ILE A 385 53.53 10.34 6.26
C ILE A 385 54.80 10.56 7.10
N LEU A 386 55.98 10.30 6.54
CA LEU A 386 57.31 10.37 7.24
C LEU A 386 57.71 11.82 7.49
N HIS A 387 57.19 12.76 6.69
CA HIS A 387 57.39 14.23 6.85
C HIS A 387 56.27 14.81 7.72
N THR B 3 -4.24 -28.92 18.96
CA THR B 3 -3.05 -28.56 18.11
C THR B 3 -2.43 -27.26 18.64
N THR B 4 -2.26 -27.12 19.96
CA THR B 4 -1.60 -25.97 20.63
C THR B 4 -0.08 -26.19 20.62
N HIS B 5 0.39 -27.31 20.08
CA HIS B 5 1.82 -27.58 19.77
C HIS B 5 2.10 -27.10 18.34
N GLU B 6 1.06 -27.01 17.50
CA GLU B 6 1.17 -26.61 16.07
C GLU B 6 1.12 -25.08 15.97
N ILE B 7 0.41 -24.40 16.89
CA ILE B 7 0.32 -22.90 16.87
C ILE B 7 1.57 -22.32 17.55
N GLU B 8 2.27 -23.13 18.35
CA GLU B 8 3.53 -22.71 19.03
C GLU B 8 4.69 -22.82 18.03
N THR B 9 4.58 -23.69 17.03
CA THR B 9 5.62 -23.94 15.99
C THR B 9 5.64 -22.74 15.02
N VAL B 10 4.47 -22.26 14.62
CA VAL B 10 4.30 -21.04 13.78
C VAL B 10 4.82 -19.84 14.57
N GLU B 11 4.49 -19.73 15.87
CA GLU B 11 4.92 -18.61 16.73
C GLU B 11 6.44 -18.59 16.74
N ARG B 12 7.06 -19.77 16.79
CA ARG B 12 8.54 -19.90 16.93
C ARG B 12 9.21 -19.47 15.62
N ILE B 13 8.63 -19.86 14.48
CA ILE B 13 9.11 -19.48 13.13
C ILE B 13 8.97 -17.95 12.96
N ILE B 14 7.87 -17.38 13.44
CA ILE B 14 7.58 -15.93 13.38
C ILE B 14 8.59 -15.15 14.23
N LEU B 15 8.87 -15.59 15.45
CA LEU B 15 9.83 -14.88 16.36
C LEU B 15 11.25 -14.99 15.80
N ALA B 16 11.64 -16.15 15.27
CA ALA B 16 13.01 -16.34 14.73
C ALA B 16 13.18 -15.47 13.48
N ALA B 17 12.12 -15.21 12.74
CA ALA B 17 12.14 -14.39 11.50
C ALA B 17 12.60 -12.95 11.82
N GLY B 18 12.44 -12.49 13.06
CA GLY B 18 12.80 -11.12 13.47
C GLY B 18 13.88 -11.10 14.53
N SER B 19 14.71 -12.14 14.57
CA SER B 19 15.74 -12.35 15.63
C SER B 19 17.15 -12.32 15.02
N SER B 20 18.14 -12.83 15.74
CA SER B 20 19.55 -12.95 15.31
C SER B 20 19.67 -14.05 14.26
N ALA B 21 20.74 -14.02 13.46
CA ALA B 21 21.08 -15.08 12.50
C ALA B 21 21.21 -16.42 13.25
N ALA B 22 21.82 -16.41 14.45
CA ALA B 22 22.10 -17.61 15.28
C ALA B 22 20.78 -18.26 15.72
N SER B 23 19.82 -17.44 16.13
CA SER B 23 18.49 -17.90 16.62
C SER B 23 17.72 -18.52 15.45
N LEU B 24 17.83 -17.93 14.26
CA LEU B 24 17.10 -18.43 13.06
C LEU B 24 17.80 -19.71 12.58
N ALA B 25 19.12 -19.79 12.73
CA ALA B 25 19.93 -20.99 12.36
C ALA B 25 19.57 -22.14 13.30
N ASP B 26 19.46 -21.86 14.61
CA ASP B 26 19.11 -22.87 15.64
C ASP B 26 17.70 -23.40 15.39
N LEU B 27 16.75 -22.54 14.99
CA LEU B 27 15.36 -23.02 14.75
C LEU B 27 15.30 -23.90 13.50
N THR B 28 15.91 -23.46 12.41
CA THR B 28 15.83 -24.19 11.11
C THR B 28 16.53 -25.55 11.25
N THR B 29 17.58 -25.62 12.08
CA THR B 29 18.29 -26.87 12.44
C THR B 29 17.32 -27.82 13.17
N GLU B 30 16.70 -27.34 14.25
CA GLU B 30 15.84 -28.17 15.12
C GLU B 30 14.63 -28.70 14.33
N LEU B 31 13.83 -27.82 13.73
CA LEU B 31 12.56 -28.22 13.07
C LEU B 31 12.89 -28.96 11.77
N GLY B 32 13.82 -28.40 11.00
CA GLY B 32 14.20 -28.90 9.66
C GLY B 32 13.29 -28.33 8.56
N LEU B 33 13.75 -28.48 7.33
CA LEU B 33 13.04 -27.98 6.13
C LEU B 33 11.66 -28.65 6.05
N ALA B 34 11.65 -29.96 6.23
CA ALA B 34 10.45 -30.80 5.98
C ALA B 34 9.28 -30.32 6.85
N ARG B 35 9.55 -29.82 8.06
CA ARG B 35 8.49 -29.34 8.98
C ARG B 35 8.09 -27.89 8.66
N ILE B 36 9.05 -27.01 8.36
CA ILE B 36 8.85 -25.54 8.18
C ILE B 36 8.17 -25.24 6.84
N ALA B 37 8.61 -25.91 5.76
CA ALA B 37 8.19 -25.65 4.37
C ALA B 37 6.66 -25.63 4.24
N PRO B 38 5.94 -26.63 4.76
CA PRO B 38 4.48 -26.66 4.63
C PRO B 38 3.81 -25.46 5.33
N VAL B 39 4.40 -24.96 6.42
CA VAL B 39 3.88 -23.76 7.12
C VAL B 39 4.06 -22.54 6.21
N LEU B 40 5.17 -22.49 5.48
CA LEU B 40 5.44 -21.38 4.53
C LEU B 40 4.52 -21.49 3.32
N ILE B 41 4.30 -22.70 2.80
CA ILE B 41 3.40 -22.96 1.63
C ILE B 41 1.96 -22.57 2.02
N ASP B 42 1.53 -22.87 3.24
CA ASP B 42 0.16 -22.54 3.71
C ASP B 42 -0.04 -21.02 3.65
N GLU B 43 0.98 -20.26 4.10
CA GLU B 43 1.02 -18.78 4.14
C GLU B 43 0.95 -18.23 2.70
N ILE B 44 1.73 -18.79 1.79
CA ILE B 44 1.73 -18.36 0.36
C ILE B 44 0.32 -18.53 -0.24
N LEU B 45 -0.35 -19.68 -0.01
CA LEU B 45 -1.71 -19.92 -0.57
C LEU B 45 -2.67 -18.87 -0.03
N PHE B 46 -2.57 -18.57 1.27
CA PHE B 46 -3.51 -17.70 1.99
C PHE B 46 -3.37 -16.25 1.48
N ARG B 47 -2.16 -15.80 1.18
CA ARG B 47 -1.88 -14.39 0.80
C ARG B 47 -1.84 -14.16 -0.72
N ALA B 48 -1.78 -15.22 -1.52
CA ALA B 48 -1.74 -15.11 -2.99
C ALA B 48 -3.16 -15.09 -3.54
N GLU B 49 -4.12 -15.49 -2.71
CA GLU B 49 -5.53 -15.44 -3.13
C GLU B 49 -5.99 -13.99 -3.12
N PRO B 50 -6.80 -13.57 -4.11
CA PRO B 50 -7.42 -14.50 -5.03
C PRO B 50 -6.59 -14.78 -6.29
N ALA B 51 -6.76 -15.97 -6.87
CA ALA B 51 -6.10 -16.28 -8.15
C ALA B 51 -6.62 -15.33 -9.23
N PRO B 52 -5.79 -14.91 -10.20
CA PRO B 52 -6.27 -14.01 -11.24
C PRO B 52 -7.22 -14.74 -12.21
N ASP B 53 -7.96 -13.98 -13.02
CA ASP B 53 -8.94 -14.50 -14.01
C ASP B 53 -8.16 -15.12 -15.18
N ILE B 54 -7.64 -16.34 -14.99
CA ILE B 54 -6.76 -17.05 -15.96
C ILE B 54 -7.18 -18.53 -16.06
N GLU B 55 -6.66 -19.24 -17.06
CA GLU B 55 -6.90 -20.69 -17.27
C GLU B 55 -5.88 -21.47 -16.43
N ARG B 56 -6.23 -22.69 -15.99
CA ARG B 56 -5.36 -23.51 -15.10
C ARG B 56 -3.90 -23.34 -15.54
N THR B 57 -3.09 -22.73 -14.66
CA THR B 57 -1.64 -22.49 -14.88
C THR B 57 -0.88 -22.97 -13.63
N GLU B 58 0.25 -23.66 -13.84
CA GLU B 58 1.11 -24.21 -12.75
C GLU B 58 2.28 -23.26 -12.48
N VAL B 59 2.59 -23.04 -11.20
CA VAL B 59 3.75 -22.20 -10.79
C VAL B 59 4.53 -22.99 -9.74
N ALA B 60 5.83 -23.11 -9.93
CA ALA B 60 6.63 -23.96 -9.02
C ALA B 60 7.34 -23.14 -7.95
N VAL B 61 7.41 -23.68 -6.74
CA VAL B 61 8.14 -23.00 -5.63
C VAL B 61 9.08 -24.02 -4.97
N GLN B 62 10.37 -23.71 -4.93
CA GLN B 62 11.38 -24.61 -4.34
C GLN B 62 12.06 -23.90 -3.18
N ILE B 63 12.25 -24.61 -2.08
CA ILE B 63 12.91 -24.02 -0.87
C ILE B 63 14.13 -24.88 -0.52
N THR B 64 15.27 -24.23 -0.34
CA THR B 64 16.53 -24.95 -0.06
C THR B 64 17.10 -24.49 1.29
N HIS B 65 17.66 -25.44 2.04
CA HIS B 65 18.29 -25.13 3.34
C HIS B 65 19.39 -26.16 3.64
N ARG B 66 20.64 -25.73 3.62
CA ARG B 66 21.81 -26.58 3.99
C ARG B 66 21.78 -27.96 3.32
N GLY B 67 21.78 -28.01 2.00
CA GLY B 67 21.86 -29.27 1.22
C GLY B 67 20.50 -29.80 0.81
N GLU B 68 19.50 -29.60 1.67
CA GLU B 68 18.15 -30.12 1.40
C GLU B 68 17.35 -29.12 0.57
N THR B 69 16.48 -29.62 -0.30
CA THR B 69 15.64 -28.76 -1.16
C THR B 69 14.30 -29.48 -1.35
N VAL B 70 13.19 -28.74 -1.24
CA VAL B 70 11.83 -29.33 -1.39
C VAL B 70 11.11 -28.57 -2.49
N ASP B 71 10.36 -29.28 -3.31
CA ASP B 71 9.69 -28.66 -4.47
C ASP B 71 8.17 -28.73 -4.30
N PHE B 72 7.50 -27.64 -4.65
CA PHE B 72 6.03 -27.63 -4.61
C PHE B 72 5.54 -27.04 -5.94
N VAL B 73 4.38 -27.47 -6.38
CA VAL B 73 3.78 -26.91 -7.61
C VAL B 73 2.41 -26.37 -7.22
N LEU B 74 2.18 -25.10 -7.49
CA LEU B 74 0.88 -24.48 -7.16
C LEU B 74 0.05 -24.39 -8.44
N THR B 75 -1.24 -24.61 -8.32
CA THR B 75 -2.13 -24.55 -9.49
C THR B 75 -3.10 -23.38 -9.33
N LEU B 76 -3.05 -22.43 -10.24
CA LEU B 76 -3.95 -21.25 -10.20
C LEU B 76 -4.94 -21.33 -11.36
N GLN B 77 -6.19 -21.01 -11.09
CA GLN B 77 -7.31 -21.03 -12.07
C GLN B 77 -8.39 -20.05 -11.62
N SER B 78 -8.92 -19.29 -12.56
CA SER B 78 -10.02 -18.30 -12.37
C SER B 78 -11.15 -18.93 -11.52
N GLY B 79 -11.41 -18.35 -10.36
CA GLY B 79 -12.56 -18.67 -9.49
C GLY B 79 -12.33 -19.88 -8.59
N GLU B 80 -11.16 -20.52 -8.68
CA GLU B 80 -10.84 -21.76 -7.96
C GLU B 80 -9.86 -21.48 -6.81
N LEU B 81 -9.91 -22.29 -5.75
CA LEU B 81 -8.91 -22.23 -4.65
C LEU B 81 -7.54 -22.62 -5.21
N ILE B 82 -6.54 -21.79 -4.95
CA ILE B 82 -5.12 -22.10 -5.25
C ILE B 82 -4.75 -23.38 -4.49
N LYS B 83 -4.25 -24.39 -5.19
CA LYS B 83 -3.78 -25.66 -4.61
C LYS B 83 -2.25 -25.70 -4.68
N ALA B 84 -1.64 -26.50 -3.80
CA ALA B 84 -0.21 -26.84 -3.80
C ALA B 84 -0.06 -28.35 -3.61
N GLU B 85 0.86 -28.97 -4.33
CA GLU B 85 1.29 -30.37 -4.06
C GLU B 85 2.81 -30.39 -4.00
N GLN B 86 3.37 -31.18 -3.08
CA GLN B 86 4.81 -31.49 -3.03
C GLN B 86 5.15 -32.45 -4.17
N ARG B 87 5.47 -31.89 -5.34
CA ARG B 87 5.84 -32.61 -6.59
C ARG B 87 7.12 -31.99 -7.12
N PRO B 88 7.87 -32.67 -8.03
CA PRO B 88 9.01 -32.08 -8.71
C PRO B 88 8.58 -30.92 -9.61
N VAL B 89 9.42 -29.90 -9.76
CA VAL B 89 9.19 -28.76 -10.70
C VAL B 89 9.08 -29.30 -12.13
N GLY B 90 9.81 -30.37 -12.43
CA GLY B 90 9.79 -31.05 -13.75
C GLY B 90 9.86 -30.05 -14.89
N ASP B 91 8.80 -29.99 -15.70
CA ASP B 91 8.77 -29.20 -16.95
C ASP B 91 8.10 -27.84 -16.70
N VAL B 92 7.48 -27.65 -15.54
CA VAL B 92 6.74 -26.40 -15.19
C VAL B 92 7.63 -25.21 -15.50
N PRO B 93 7.21 -24.35 -16.45
CA PRO B 93 8.05 -23.27 -16.97
C PRO B 93 8.06 -21.97 -16.14
N LEU B 94 7.18 -21.88 -15.13
CA LEU B 94 7.10 -20.73 -14.17
C LEU B 94 7.64 -21.18 -12.81
N ARG B 95 8.82 -20.68 -12.43
CA ARG B 95 9.55 -21.17 -11.24
C ARG B 95 9.97 -19.99 -10.37
N ILE B 96 9.90 -20.19 -9.05
CA ILE B 96 10.38 -19.27 -7.98
C ILE B 96 11.25 -20.13 -7.05
N GLY B 97 12.46 -19.68 -6.72
CA GLY B 97 13.34 -20.39 -5.78
C GLY B 97 13.64 -19.51 -4.57
N TYR B 98 13.67 -20.11 -3.37
CA TYR B 98 14.03 -19.39 -2.12
C TYR B 98 15.01 -20.21 -1.31
N GLU B 99 15.99 -19.56 -0.68
CA GLU B 99 16.66 -20.06 0.56
C GLU B 99 15.63 -19.99 1.70
N LEU B 100 15.60 -21.00 2.56
CA LEU B 100 14.62 -21.09 3.68
C LEU B 100 14.63 -19.80 4.52
N THR B 101 15.82 -19.33 4.91
CA THR B 101 15.97 -18.16 5.81
C THR B 101 15.38 -16.90 5.16
N ASP B 102 15.57 -16.72 3.85
CA ASP B 102 15.04 -15.56 3.07
C ASP B 102 13.51 -15.55 3.09
N LEU B 103 12.90 -16.70 2.81
CA LEU B 103 11.44 -16.87 2.67
C LEU B 103 10.78 -16.73 4.04
N ILE B 104 11.43 -17.18 5.12
CA ILE B 104 10.92 -16.99 6.51
C ILE B 104 10.87 -15.49 6.82
N ALA B 105 11.93 -14.75 6.49
CA ALA B 105 12.00 -13.28 6.68
C ALA B 105 11.03 -12.58 5.71
N GLU B 106 10.80 -13.15 4.54
CA GLU B 106 9.95 -12.51 3.52
C GLU B 106 8.48 -12.65 3.93
N LEU B 107 8.12 -13.76 4.55
CA LEU B 107 6.72 -13.99 5.01
C LEU B 107 6.54 -13.36 6.39
N PHE B 108 7.51 -13.54 7.30
CA PHE B 108 7.29 -13.31 8.76
C PHE B 108 8.26 -12.26 9.33
N GLY B 109 9.19 -11.76 8.52
CA GLY B 109 10.18 -10.75 8.95
C GLY B 109 9.53 -9.39 9.16
N PRO B 110 9.98 -8.62 10.16
CA PRO B 110 9.56 -7.22 10.29
C PRO B 110 10.37 -6.32 9.34
N GLY B 111 9.97 -5.06 9.17
CA GLY B 111 10.75 -4.06 8.41
C GLY B 111 10.52 -4.10 6.91
N ALA B 112 11.11 -3.13 6.22
CA ALA B 112 10.89 -2.85 4.78
C ALA B 112 11.02 -4.13 3.94
N PRO B 113 9.97 -4.49 3.17
CA PRO B 113 10.10 -5.55 2.17
C PRO B 113 11.38 -5.33 1.36
N ARG B 114 12.00 -6.41 0.90
CA ARG B 114 13.20 -6.30 0.05
C ARG B 114 12.78 -6.04 -1.40
N ALA B 115 13.35 -5.01 -2.01
CA ALA B 115 13.07 -4.61 -3.41
C ALA B 115 13.64 -5.65 -4.39
N VAL B 116 14.77 -6.28 -4.06
CA VAL B 116 15.55 -7.13 -5.02
C VAL B 116 16.41 -8.15 -4.26
N GLY B 117 16.60 -9.33 -4.85
CA GLY B 117 17.60 -10.33 -4.43
C GLY B 117 17.11 -11.26 -3.34
N ALA B 118 15.80 -11.40 -3.16
CA ALA B 118 15.25 -12.27 -2.10
C ALA B 118 14.97 -13.70 -2.62
N ARG B 119 15.03 -13.90 -3.94
CA ARG B 119 14.53 -15.13 -4.59
C ARG B 119 15.15 -15.24 -5.99
N SER B 120 15.05 -16.43 -6.58
CA SER B 120 15.41 -16.72 -8.00
C SER B 120 14.10 -16.92 -8.75
N THR B 121 14.12 -16.82 -10.07
CA THR B 121 12.90 -16.93 -10.91
C THR B 121 13.29 -17.44 -12.28
N ASN B 122 12.44 -18.27 -12.87
CA ASN B 122 12.55 -18.74 -14.26
C ASN B 122 11.18 -18.50 -14.90
N PHE B 123 11.13 -17.61 -15.90
CA PHE B 123 9.88 -17.23 -16.60
C PHE B 123 9.91 -17.72 -18.05
N LEU B 124 9.14 -18.77 -18.34
CA LEU B 124 8.89 -19.33 -19.70
C LEU B 124 10.18 -19.40 -20.51
N ARG B 125 11.23 -20.01 -19.96
CA ARG B 125 12.53 -20.20 -20.69
C ARG B 125 12.29 -21.25 -21.79
N THR B 126 11.29 -22.10 -21.57
CA THR B 126 10.70 -23.06 -22.56
C THR B 126 9.20 -22.75 -22.68
N THR B 127 8.66 -22.69 -23.90
CA THR B 127 7.23 -22.43 -24.19
C THR B 127 6.60 -23.67 -24.84
N THR B 128 5.36 -23.99 -24.46
CA THR B 128 4.56 -25.09 -25.06
C THR B 128 4.41 -24.80 -26.56
N SER B 129 4.41 -23.51 -26.89
CA SER B 129 4.40 -22.95 -28.27
C SER B 129 5.60 -23.45 -29.07
N GLY B 130 6.80 -23.47 -28.49
CA GLY B 130 8.06 -23.87 -29.15
C GLY B 130 9.07 -22.73 -29.17
N SER B 131 8.60 -21.52 -29.49
CA SER B 131 9.32 -20.22 -29.32
C SER B 131 8.34 -19.19 -28.73
N ILE B 132 8.21 -17.99 -29.34
CA ILE B 132 7.31 -16.92 -28.81
C ILE B 132 6.02 -17.59 -28.33
N PRO B 133 5.64 -17.43 -27.05
CA PRO B 133 4.46 -18.11 -26.49
C PRO B 133 3.14 -17.56 -27.03
N GLY B 134 2.08 -18.38 -26.97
CA GLY B 134 0.69 -17.94 -27.26
C GLY B 134 0.40 -16.65 -26.50
N PRO B 135 -0.46 -15.73 -27.04
CA PRO B 135 -0.78 -14.52 -26.29
C PRO B 135 -1.39 -14.87 -24.92
N SER B 136 -2.12 -15.99 -24.84
CA SER B 136 -2.77 -16.52 -23.61
C SER B 136 -1.70 -17.00 -22.61
N GLU B 137 -0.82 -17.88 -23.08
CA GLU B 137 0.26 -18.51 -22.27
C GLU B 137 1.11 -17.42 -21.61
N LEU B 138 1.43 -16.35 -22.35
CA LEU B 138 2.33 -15.26 -21.90
C LEU B 138 1.61 -14.43 -20.85
N SER B 139 0.40 -13.95 -21.17
CA SER B 139 -0.45 -13.10 -20.28
C SER B 139 -0.77 -13.86 -18.99
N ASP B 140 -1.27 -15.10 -19.11
CA ASP B 140 -1.59 -15.99 -17.97
C ASP B 140 -0.32 -16.26 -17.14
N GLY B 141 0.84 -16.41 -17.80
CA GLY B 141 2.13 -16.67 -17.14
C GLY B 141 2.55 -15.51 -16.23
N PHE B 142 2.54 -14.30 -16.76
CA PHE B 142 2.83 -13.05 -16.01
C PHE B 142 1.97 -13.05 -14.75
N GLN B 143 0.67 -13.18 -14.92
CA GLN B 143 -0.33 -13.01 -13.84
C GLN B 143 -0.15 -14.10 -12.78
N ALA B 144 0.10 -15.35 -13.19
CA ALA B 144 0.24 -16.52 -12.29
C ALA B 144 1.46 -16.33 -11.37
N ILE B 145 2.64 -16.13 -11.96
CA ILE B 145 3.91 -16.05 -11.18
C ILE B 145 3.90 -14.77 -10.34
N SER B 146 3.23 -13.71 -10.81
CA SER B 146 3.12 -12.44 -10.05
C SER B 146 2.27 -12.65 -8.80
N ALA B 147 1.18 -13.39 -8.91
CA ALA B 147 0.27 -13.64 -7.78
C ALA B 147 0.97 -14.46 -6.69
N VAL B 148 1.75 -15.46 -7.08
CA VAL B 148 2.49 -16.30 -6.12
C VAL B 148 3.59 -15.47 -5.43
N VAL B 149 4.34 -14.67 -6.20
CA VAL B 149 5.40 -13.81 -5.60
C VAL B 149 4.75 -12.82 -4.62
N ALA B 150 3.57 -12.32 -4.94
CA ALA B 150 2.85 -11.39 -4.05
C ALA B 150 2.48 -12.09 -2.75
N GLY B 151 2.24 -13.39 -2.81
CA GLY B 151 1.89 -14.17 -1.61
C GLY B 151 3.13 -14.63 -0.86
N CYS B 152 4.32 -14.34 -1.40
CA CYS B 152 5.56 -14.81 -0.74
C CYS B 152 6.15 -13.74 0.17
N GLY B 153 5.59 -12.52 0.18
CA GLY B 153 6.17 -11.41 0.95
C GLY B 153 5.23 -10.86 2.03
N HIS B 154 5.60 -9.70 2.57
CA HIS B 154 4.82 -8.95 3.56
C HIS B 154 4.68 -7.48 3.12
N ARG B 155 4.50 -7.23 1.83
CA ARG B 155 4.30 -5.86 1.29
C ARG B 155 3.02 -5.30 1.93
N ARG B 156 3.05 -4.05 2.37
CA ARG B 156 1.93 -3.44 3.13
C ARG B 156 0.64 -3.56 2.30
N PRO B 157 -0.41 -4.20 2.88
CA PRO B 157 -1.73 -4.23 2.26
C PRO B 157 -2.58 -3.00 2.64
N ASP B 158 -3.51 -2.64 1.76
CA ASP B 158 -4.52 -1.59 1.97
C ASP B 158 -5.66 -2.21 2.77
N LEU B 159 -5.79 -1.90 4.05
CA LEU B 159 -6.78 -2.53 4.96
C LEU B 159 -8.20 -2.29 4.43
N ASN B 160 -8.43 -1.20 3.69
CA ASN B 160 -9.77 -0.87 3.12
C ASN B 160 -10.13 -1.96 2.10
N LEU B 161 -9.15 -2.39 1.31
CA LEU B 161 -9.36 -3.41 0.23
C LEU B 161 -9.53 -4.77 0.87
N LEU B 162 -8.75 -5.06 1.92
CA LEU B 162 -8.79 -6.37 2.62
C LEU B 162 -10.18 -6.57 3.20
N ALA B 163 -10.77 -5.50 3.73
CA ALA B 163 -12.13 -5.49 4.33
C ALA B 163 -13.18 -5.74 3.25
N SER B 164 -13.00 -5.19 2.05
CA SER B 164 -13.91 -5.45 0.90
C SER B 164 -13.67 -6.89 0.40
N HIS B 165 -12.41 -7.30 0.27
CA HIS B 165 -12.01 -8.64 -0.24
C HIS B 165 -12.61 -9.73 0.64
N TYR B 166 -12.44 -9.66 1.97
CA TYR B 166 -12.89 -10.74 2.90
C TYR B 166 -14.37 -10.52 3.27
N ARG B 167 -14.93 -9.39 2.84
CA ARG B 167 -16.38 -9.05 2.97
C ARG B 167 -16.77 -8.91 4.44
N THR B 168 -16.09 -8.04 5.17
CA THR B 168 -16.41 -7.68 6.57
C THR B 168 -17.08 -6.31 6.55
N ASP B 169 -17.98 -6.08 7.51
CA ASP B 169 -18.79 -4.83 7.61
C ASP B 169 -17.96 -3.70 8.25
N LYS B 170 -16.65 -3.92 8.38
CA LYS B 170 -15.69 -2.93 8.96
C LYS B 170 -15.42 -1.76 7.98
N TRP B 171 -15.80 -1.91 6.72
CA TRP B 171 -15.62 -0.88 5.67
C TRP B 171 -16.66 -1.05 4.57
N GLY B 172 -17.10 0.05 3.97
CA GLY B 172 -17.91 0.04 2.75
C GLY B 172 -19.41 0.14 2.95
N GLY B 173 -19.89 0.80 4.01
CA GLY B 173 -21.34 1.08 4.12
C GLY B 173 -21.81 1.28 5.54
N LEU B 174 -22.03 0.19 6.27
CA LEU B 174 -22.48 0.21 7.68
C LEU B 174 -21.42 0.90 8.56
N HIS B 175 -20.13 0.71 8.24
CA HIS B 175 -19.02 1.30 9.02
C HIS B 175 -17.92 1.75 8.07
N TRP B 176 -17.08 2.69 8.52
CA TRP B 176 -15.89 3.21 7.77
C TRP B 176 -14.67 3.18 8.70
N PHE B 177 -14.41 2.03 9.33
CA PHE B 177 -13.45 1.89 10.46
C PHE B 177 -11.99 1.71 10.01
N THR B 178 -11.76 0.99 8.92
CA THR B 178 -10.42 0.41 8.61
C THR B 178 -9.35 1.48 8.52
N PRO B 179 -9.61 2.71 8.05
CA PRO B 179 -8.57 3.76 8.06
C PRO B 179 -8.14 4.17 9.48
N LEU B 180 -9.05 4.11 10.43
CA LEU B 180 -8.77 4.47 11.83
C LEU B 180 -8.04 3.31 12.49
N TYR B 181 -8.27 2.10 12.00
CA TYR B 181 -7.53 0.91 12.50
C TYR B 181 -6.09 1.02 12.01
N GLU B 182 -5.89 1.55 10.81
CA GLU B 182 -4.54 1.75 10.25
C GLU B 182 -3.80 2.82 11.07
N ARG B 183 -4.53 3.84 11.53
CA ARG B 183 -3.91 4.95 12.30
C ARG B 183 -3.48 4.45 13.67
N HIS B 184 -4.27 3.60 14.29
CA HIS B 184 -4.04 3.16 15.69
C HIS B 184 -3.36 1.79 15.79
N LEU B 185 -3.43 0.92 14.78
CA LEU B 185 -2.85 -0.46 14.85
C LEU B 185 -1.70 -0.60 13.86
N GLY B 186 -1.58 0.35 12.94
CA GLY B 186 -0.57 0.32 11.89
C GLY B 186 0.82 0.17 12.48
N GLU B 187 1.10 0.83 13.60
CA GLU B 187 2.47 0.80 14.19
C GLU B 187 2.79 -0.60 14.75
N PHE B 188 1.84 -1.54 14.70
CA PHE B 188 2.06 -2.93 15.24
C PHE B 188 2.16 -3.97 14.12
N ARG B 189 1.94 -3.59 12.86
CA ARG B 189 1.91 -4.55 11.72
C ARG B 189 3.15 -5.44 11.74
N ASP B 190 4.31 -4.87 12.09
CA ASP B 190 5.63 -5.55 12.05
C ASP B 190 5.84 -6.38 13.32
N ARG B 191 5.01 -6.15 14.35
CA ARG B 191 5.16 -6.76 15.69
C ARG B 191 4.50 -8.13 15.69
N PRO B 192 5.10 -9.10 16.43
CA PRO B 192 4.52 -10.43 16.59
C PRO B 192 3.34 -10.33 17.55
N VAL B 193 2.20 -9.90 17.03
CA VAL B 193 1.07 -9.57 17.96
C VAL B 193 0.10 -10.74 18.20
N ARG B 194 -0.55 -10.71 19.35
CA ARG B 194 -1.65 -11.66 19.63
C ARG B 194 -2.87 -10.76 19.67
N ILE B 195 -3.80 -10.96 18.75
CA ILE B 195 -5.00 -10.10 18.66
C ILE B 195 -6.25 -10.88 19.03
N LEU B 196 -7.11 -10.27 19.84
CA LEU B 196 -8.39 -10.89 20.22
C LEU B 196 -9.57 -10.07 19.70
N GLU B 197 -10.39 -10.68 18.85
CA GLU B 197 -11.66 -10.05 18.42
C GLU B 197 -12.82 -10.81 19.10
N ILE B 198 -13.54 -10.12 19.98
CA ILE B 198 -14.77 -10.63 20.63
C ILE B 198 -15.93 -10.44 19.65
N GLY B 199 -16.59 -11.53 19.27
CA GLY B 199 -17.67 -11.51 18.27
C GLY B 199 -17.20 -12.04 16.93
N VAL B 200 -17.54 -13.30 16.65
CA VAL B 200 -17.25 -14.01 15.38
C VAL B 200 -18.57 -14.21 14.62
N GLY B 208 -21.03 -18.99 9.26
CA GLY B 208 -21.37 -17.57 9.46
C GLY B 208 -20.34 -16.85 10.32
N GLY B 209 -19.62 -15.88 9.73
CA GLY B 209 -18.62 -15.06 10.43
C GLY B 209 -17.18 -15.46 10.07
N GLY B 210 -16.20 -14.82 10.72
CA GLY B 210 -14.77 -15.10 10.54
C GLY B 210 -14.15 -14.20 9.49
N GLU B 211 -14.98 -13.44 8.77
CA GLU B 211 -14.49 -12.50 7.73
C GLU B 211 -13.38 -11.64 8.34
N SER B 212 -13.69 -10.92 9.43
CA SER B 212 -12.77 -9.94 10.04
C SER B 212 -11.52 -10.66 10.56
N LEU B 213 -11.64 -11.92 10.99
CA LEU B 213 -10.49 -12.72 11.50
C LEU B 213 -9.50 -12.94 10.35
N LYS B 214 -9.99 -13.31 9.16
CA LYS B 214 -9.18 -13.53 7.94
C LYS B 214 -8.42 -12.23 7.61
N MET B 215 -9.11 -11.10 7.71
CA MET B 215 -8.57 -9.75 7.41
C MET B 215 -7.39 -9.46 8.36
N TRP B 216 -7.50 -9.76 9.66
CA TRP B 216 -6.44 -9.48 10.65
C TRP B 216 -5.25 -10.41 10.43
N LYS B 217 -5.50 -11.64 10.00
CA LYS B 217 -4.43 -12.62 9.72
C LYS B 217 -3.59 -12.09 8.56
N ARG B 218 -4.25 -11.50 7.57
CA ARG B 218 -3.61 -10.93 6.37
C ARG B 218 -2.84 -9.66 6.74
N TYR B 219 -3.41 -8.80 7.59
CA TYR B 219 -2.88 -7.45 7.89
C TYR B 219 -1.65 -7.61 8.75
N PHE B 220 -1.77 -8.33 9.87
CA PHE B 220 -0.64 -8.67 10.77
C PHE B 220 0.03 -9.95 10.25
N HIS B 221 1.01 -9.81 9.35
CA HIS B 221 1.72 -10.95 8.72
C HIS B 221 2.54 -11.73 9.77
N ARG B 222 2.73 -11.20 10.97
CA ARG B 222 3.45 -11.89 12.07
C ARG B 222 2.46 -12.19 13.21
N GLY B 223 1.17 -11.99 12.99
CA GLY B 223 0.15 -12.10 14.05
C GLY B 223 -0.42 -13.50 14.28
N LEU B 224 -0.89 -13.72 15.50
CA LEU B 224 -1.78 -14.85 15.87
C LEU B 224 -3.16 -14.27 16.19
N VAL B 225 -4.17 -14.69 15.44
CA VAL B 225 -5.54 -14.13 15.54
C VAL B 225 -6.42 -15.07 16.37
N PHE B 226 -7.16 -14.50 17.35
CA PHE B 226 -8.03 -15.24 18.30
C PHE B 226 -9.44 -14.66 18.26
N GLY B 227 -10.38 -15.50 17.85
CA GLY B 227 -11.81 -15.16 17.71
C GLY B 227 -12.62 -15.77 18.83
N MET B 228 -13.19 -14.91 19.68
CA MET B 228 -13.99 -15.30 20.85
C MET B 228 -15.49 -15.14 20.54
N ASP B 229 -16.24 -16.21 20.71
CA ASP B 229 -17.71 -16.22 20.53
C ASP B 229 -18.29 -17.26 21.49
N VAL B 230 -19.54 -17.07 21.90
CA VAL B 230 -20.26 -17.97 22.85
C VAL B 230 -20.66 -19.25 22.10
N PHE B 231 -20.75 -19.17 20.77
CA PHE B 231 -21.02 -20.33 19.87
C PHE B 231 -19.70 -20.90 19.32
N ASP B 232 -19.72 -22.20 19.01
CA ASP B 232 -18.59 -22.92 18.36
C ASP B 232 -18.33 -22.31 16.97
N LYS B 233 -17.06 -22.06 16.65
CA LYS B 233 -16.61 -21.54 15.33
C LYS B 233 -15.32 -22.26 14.92
N SER B 234 -15.13 -23.49 15.40
CA SER B 234 -13.89 -24.30 15.20
C SER B 234 -13.70 -24.62 13.71
N PHE B 235 -14.72 -24.46 12.87
CA PHE B 235 -14.65 -24.75 11.42
C PHE B 235 -13.90 -23.63 10.69
N LEU B 236 -13.64 -22.52 11.38
CA LEU B 236 -12.87 -21.37 10.82
C LEU B 236 -11.39 -21.56 11.15
N ASP B 237 -11.06 -22.41 12.11
CA ASP B 237 -9.68 -22.61 12.61
C ASP B 237 -8.76 -22.93 11.42
N GLN B 238 -7.60 -22.28 11.42
CA GLN B 238 -6.53 -22.45 10.41
C GLN B 238 -5.24 -21.85 10.97
N GLN B 239 -4.16 -21.89 10.20
CA GLN B 239 -2.83 -21.38 10.63
C GLN B 239 -2.94 -19.90 11.06
N ARG B 240 -2.45 -19.61 12.28
CA ARG B 240 -2.40 -18.27 12.91
C ARG B 240 -3.82 -17.75 13.20
N LEU B 241 -4.86 -18.61 13.16
CA LEU B 241 -6.27 -18.18 13.36
C LEU B 241 -6.99 -19.23 14.21
N CYS B 242 -7.15 -18.93 15.49
CA CYS B 242 -7.78 -19.85 16.47
C CYS B 242 -9.09 -19.26 17.01
N THR B 243 -10.15 -20.07 17.00
CA THR B 243 -11.45 -19.64 17.58
C THR B 243 -11.58 -20.24 18.99
N VAL B 244 -12.19 -19.49 19.90
CA VAL B 244 -12.36 -19.95 21.30
C VAL B 244 -13.81 -19.74 21.72
N ARG B 245 -14.37 -20.69 22.47
CA ARG B 245 -15.74 -20.53 23.00
C ARG B 245 -15.65 -19.87 24.38
N ALA B 246 -16.33 -18.74 24.56
CA ALA B 246 -16.33 -18.01 25.84
C ALA B 246 -17.41 -16.94 25.85
N ASP B 247 -17.99 -16.63 27.01
CA ASP B 247 -19.06 -15.61 27.14
C ASP B 247 -18.47 -14.32 27.67
N GLN B 248 -18.68 -13.20 26.97
CA GLN B 248 -18.05 -11.92 27.35
C GLN B 248 -18.80 -11.29 28.53
N SER B 249 -19.84 -11.96 29.04
CA SER B 249 -20.61 -11.51 30.23
C SER B 249 -20.14 -12.26 31.48
N LYS B 250 -19.22 -13.21 31.31
CA LYS B 250 -18.67 -14.06 32.41
C LYS B 250 -17.18 -13.78 32.59
N PRO B 251 -16.79 -12.97 33.59
CA PRO B 251 -15.38 -12.67 33.86
C PRO B 251 -14.44 -13.90 33.92
N GLU B 252 -14.95 -15.05 34.35
CA GLU B 252 -14.10 -16.25 34.56
C GLU B 252 -13.77 -16.85 33.20
N GLU B 253 -14.65 -16.68 32.21
CA GLU B 253 -14.46 -17.23 30.84
C GLU B 253 -13.51 -16.31 30.06
N LEU B 254 -13.58 -15.01 30.30
CA LEU B 254 -12.67 -14.01 29.70
C LEU B 254 -11.25 -14.26 30.21
N ALA B 255 -11.10 -14.46 31.52
CA ALA B 255 -9.82 -14.76 32.19
C ALA B 255 -9.20 -16.04 31.60
N ALA B 256 -10.02 -17.07 31.39
CA ALA B 256 -9.60 -18.40 30.87
C ALA B 256 -9.04 -18.22 29.47
N VAL B 257 -9.67 -17.35 28.69
CA VAL B 257 -9.24 -17.00 27.29
C VAL B 257 -7.86 -16.34 27.33
N ASP B 258 -7.63 -15.39 28.25
CA ASP B 258 -6.32 -14.71 28.40
C ASP B 258 -5.28 -15.70 28.96
N ASP B 259 -5.69 -16.52 29.93
CA ASP B 259 -4.79 -17.49 30.62
C ASP B 259 -4.23 -18.47 29.59
N LYS B 260 -5.05 -18.79 28.57
CA LYS B 260 -4.73 -19.83 27.56
C LYS B 260 -4.00 -19.20 26.36
N TYR B 261 -4.42 -18.01 25.88
CA TYR B 261 -4.00 -17.50 24.55
C TYR B 261 -3.40 -16.09 24.59
N GLY B 262 -3.31 -15.46 25.76
CA GLY B 262 -2.79 -14.08 25.92
C GLY B 262 -1.32 -14.06 26.32
N PRO B 263 -0.77 -12.89 26.72
CA PRO B 263 -1.53 -11.64 26.70
C PRO B 263 -1.67 -11.08 25.28
N PHE B 264 -2.72 -10.28 25.06
CA PHE B 264 -3.06 -9.65 23.76
C PHE B 264 -2.48 -8.23 23.69
N ASP B 265 -1.91 -7.87 22.51
CA ASP B 265 -1.46 -6.50 22.18
C ASP B 265 -2.68 -5.63 21.84
N ILE B 266 -3.74 -6.28 21.35
CA ILE B 266 -4.97 -5.63 20.80
C ILE B 266 -6.15 -6.50 21.19
N ILE B 267 -7.24 -5.84 21.59
CA ILE B 267 -8.55 -6.47 21.90
C ILE B 267 -9.62 -5.57 21.28
N ILE B 268 -10.43 -6.16 20.41
CA ILE B 268 -11.57 -5.51 19.72
C ILE B 268 -12.86 -6.13 20.23
N ASP B 269 -13.76 -5.30 20.74
CA ASP B 269 -15.12 -5.69 21.17
C ASP B 269 -16.08 -5.37 20.02
N ASP B 270 -16.39 -6.38 19.19
CA ASP B 270 -17.48 -6.34 18.17
C ASP B 270 -18.46 -7.49 18.45
N GLY B 271 -18.87 -7.65 19.71
CA GLY B 271 -19.70 -8.78 20.19
C GLY B 271 -21.19 -8.50 20.16
N SER B 272 -21.91 -8.92 21.20
CA SER B 272 -23.38 -8.73 21.38
C SER B 272 -23.75 -7.25 21.28
N HIS B 273 -22.87 -6.36 21.76
CA HIS B 273 -23.06 -4.89 21.88
C HIS B 273 -24.03 -4.59 23.01
N ILE B 274 -24.33 -5.60 23.84
CA ILE B 274 -25.09 -5.43 25.11
C ILE B 274 -24.20 -4.64 26.07
N ASN B 275 -24.66 -3.46 26.47
CA ASN B 275 -23.89 -2.46 27.26
C ASN B 275 -23.19 -3.17 28.43
N GLY B 276 -23.91 -4.03 29.17
CA GLY B 276 -23.37 -4.78 30.32
C GLY B 276 -22.16 -5.62 29.93
N HIS B 277 -22.28 -6.38 28.84
CA HIS B 277 -21.21 -7.23 28.26
C HIS B 277 -19.99 -6.35 27.91
N VAL B 278 -20.24 -5.20 27.25
CA VAL B 278 -19.18 -4.23 26.84
C VAL B 278 -18.40 -3.80 28.08
N ARG B 279 -19.12 -3.51 29.18
CA ARG B 279 -18.53 -2.99 30.45
C ARG B 279 -17.76 -4.11 31.15
N THR B 280 -18.27 -5.34 31.12
CA THR B 280 -17.63 -6.49 31.82
C THR B 280 -16.32 -6.87 31.11
N SER B 281 -16.33 -6.91 29.77
CA SER B 281 -15.15 -7.26 28.95
C SER B 281 -14.03 -6.25 29.19
N LEU B 282 -14.36 -4.96 29.32
CA LEU B 282 -13.34 -3.90 29.54
C LEU B 282 -12.75 -4.05 30.94
N GLU B 283 -13.62 -4.21 31.96
CA GLU B 283 -13.22 -4.28 33.39
C GLU B 283 -12.28 -5.47 33.60
N THR B 284 -12.57 -6.59 32.94
CA THR B 284 -11.78 -7.84 33.09
C THR B 284 -10.51 -7.79 32.23
N LEU B 285 -10.62 -7.41 30.96
CA LEU B 285 -9.55 -7.61 29.95
C LEU B 285 -8.59 -6.42 29.91
N PHE B 286 -9.03 -5.21 30.26
CA PHE B 286 -8.15 -4.01 30.16
C PHE B 286 -6.92 -4.27 31.02
N PRO B 287 -7.08 -4.80 32.26
CA PRO B 287 -5.92 -5.13 33.11
C PRO B 287 -5.00 -6.20 32.52
N ARG B 288 -5.53 -7.07 31.65
CA ARG B 288 -4.77 -8.19 31.06
C ARG B 288 -4.15 -7.79 29.71
N LEU B 289 -4.55 -6.66 29.13
CA LEU B 289 -4.02 -6.14 27.83
C LEU B 289 -2.58 -5.68 28.06
N ARG B 290 -1.68 -5.87 27.10
CA ARG B 290 -0.28 -5.40 27.27
C ARG B 290 -0.30 -3.87 27.36
N SER B 291 0.46 -3.29 28.28
CA SER B 291 0.68 -1.83 28.35
C SER B 291 1.32 -1.40 27.01
N GLY B 292 0.91 -0.24 26.50
CA GLY B 292 1.25 0.21 25.14
C GLY B 292 0.32 -0.39 24.10
N GLY B 293 -0.54 -1.34 24.51
CA GLY B 293 -1.54 -2.03 23.67
C GLY B 293 -2.80 -1.17 23.55
N VAL B 294 -3.77 -1.65 22.78
CA VAL B 294 -4.97 -0.85 22.39
C VAL B 294 -6.23 -1.71 22.59
N TYR B 295 -7.25 -1.13 23.20
CA TYR B 295 -8.57 -1.76 23.38
C TYR B 295 -9.58 -0.99 22.54
N VAL B 296 -10.34 -1.68 21.69
CA VAL B 296 -11.28 -1.05 20.73
C VAL B 296 -12.70 -1.51 21.04
N ILE B 297 -13.65 -0.59 21.03
CA ILE B 297 -15.11 -0.87 21.17
C ILE B 297 -15.83 -0.34 19.92
N GLU B 298 -16.33 -1.25 19.08
CA GLU B 298 -17.17 -0.94 17.90
C GLU B 298 -18.64 -0.87 18.34
N ASP B 299 -19.44 -0.15 17.55
CA ASP B 299 -20.92 -0.17 17.65
C ASP B 299 -21.33 0.45 18.99
N LEU B 300 -20.94 1.70 19.20
CA LEU B 300 -21.32 2.56 20.34
C LEU B 300 -22.84 2.82 20.35
N TRP B 301 -23.48 2.78 19.17
CA TRP B 301 -24.89 3.19 18.96
C TRP B 301 -25.84 2.45 19.94
N THR B 302 -25.56 1.19 20.26
CA THR B 302 -26.40 0.36 21.15
C THR B 302 -26.53 1.02 22.53
N THR B 303 -25.64 1.98 22.82
CA THR B 303 -25.76 2.88 24.00
C THR B 303 -27.21 3.35 24.17
N TYR B 304 -27.92 3.57 23.04
CA TYR B 304 -29.23 4.28 22.97
C TYR B 304 -30.39 3.31 22.65
N ALA B 305 -30.11 2.00 22.57
CA ALA B 305 -31.08 0.95 22.18
C ALA B 305 -31.48 0.14 23.41
N PRO B 306 -32.75 0.23 23.86
CA PRO B 306 -33.21 -0.48 25.06
C PRO B 306 -33.02 -2.01 24.95
N GLY B 307 -33.09 -2.55 23.74
CA GLY B 307 -32.95 -3.99 23.45
C GLY B 307 -31.53 -4.48 23.68
N PHE B 308 -30.58 -3.57 23.92
CA PHE B 308 -29.14 -3.89 24.16
C PHE B 308 -28.75 -3.42 25.57
N GLY B 309 -29.74 -3.20 26.44
CA GLY B 309 -29.53 -2.74 27.83
C GLY B 309 -29.19 -1.27 27.85
N GLY B 310 -29.45 -0.59 26.72
CA GLY B 310 -29.25 0.87 26.55
C GLY B 310 -30.49 1.63 26.96
N GLN B 311 -30.38 2.97 27.06
CA GLN B 311 -31.51 3.90 27.31
C GLN B 311 -31.63 4.86 26.12
N ALA B 312 -32.86 5.05 25.63
CA ALA B 312 -33.20 5.99 24.54
C ALA B 312 -33.37 7.39 25.12
N GLN B 313 -32.34 7.91 25.77
CA GLN B 313 -32.26 9.30 26.29
C GLN B 313 -30.88 9.91 25.92
N CYS B 314 -30.72 11.21 26.14
CA CYS B 314 -29.50 11.98 25.80
C CYS B 314 -29.44 13.23 26.68
N PRO B 315 -28.39 13.43 27.52
CA PRO B 315 -27.21 12.57 27.53
C PRO B 315 -27.48 11.09 27.85
N ALA B 316 -26.60 10.22 27.37
CA ALA B 316 -26.66 8.75 27.55
C ALA B 316 -26.76 8.42 29.03
N ALA B 317 -27.50 7.35 29.36
CA ALA B 317 -27.79 6.95 30.75
C ALA B 317 -26.58 6.25 31.37
N PRO B 318 -26.32 6.49 32.67
CA PRO B 318 -25.31 5.71 33.40
C PRO B 318 -25.42 4.22 33.07
N GLY B 319 -24.28 3.54 32.89
CA GLY B 319 -24.23 2.10 32.55
C GLY B 319 -24.42 1.83 31.05
N THR B 320 -24.29 2.85 30.20
CA THR B 320 -24.31 2.68 28.73
C THR B 320 -22.94 3.10 28.18
N THR B 321 -22.57 2.59 27.01
CA THR B 321 -21.19 2.65 26.49
C THR B 321 -20.73 4.12 26.37
N VAL B 322 -21.59 5.04 25.91
CA VAL B 322 -21.18 6.46 25.70
C VAL B 322 -20.92 7.12 27.06
N SER B 323 -21.74 6.83 28.07
CA SER B 323 -21.56 7.34 29.45
C SER B 323 -20.20 6.86 29.99
N LEU B 324 -19.85 5.61 29.71
CA LEU B 324 -18.58 4.98 30.11
C LEU B 324 -17.42 5.75 29.47
N LEU B 325 -17.56 6.09 28.17
CA LEU B 325 -16.48 6.77 27.40
C LEU B 325 -16.28 8.19 27.95
N LYS B 326 -17.35 8.80 28.45
CA LYS B 326 -17.33 10.16 29.08
C LYS B 326 -16.60 10.10 30.43
N ASN B 327 -16.76 9.01 31.17
CA ASN B 327 -16.10 8.81 32.51
C ASN B 327 -14.61 8.48 32.32
N LEU B 328 -14.29 7.63 31.34
CA LEU B 328 -12.87 7.32 30.96
C LEU B 328 -12.15 8.62 30.59
N LEU B 329 -12.81 9.49 29.81
CA LEU B 329 -12.27 10.79 29.33
C LEU B 329 -11.94 11.64 30.56
N GLU B 330 -12.84 11.70 31.54
CA GLU B 330 -12.61 12.48 32.78
C GLU B 330 -11.57 11.76 33.63
N GLY B 331 -11.49 10.44 33.50
CA GLY B 331 -10.53 9.60 34.25
C GLY B 331 -9.10 9.92 33.88
N VAL B 332 -8.86 10.35 32.64
CA VAL B 332 -7.50 10.63 32.13
C VAL B 332 -6.96 11.87 32.87
N GLN B 333 -7.85 12.73 33.37
CA GLN B 333 -7.47 13.97 34.09
C GLN B 333 -7.48 13.74 35.60
N HIS B 334 -7.49 12.49 36.07
CA HIS B 334 -7.70 12.15 37.51
C HIS B 334 -6.75 12.97 38.41
N GLU B 335 -5.51 13.22 37.96
CA GLU B 335 -4.47 13.90 38.79
C GLU B 335 -4.83 15.37 39.00
N GLU B 336 -5.71 15.93 38.18
CA GLU B 336 -6.02 17.39 38.20
C GLU B 336 -7.35 17.62 38.94
N GLN B 337 -8.09 16.53 39.20
CA GLN B 337 -9.39 16.53 39.92
C GLN B 337 -9.14 16.81 41.39
N PRO B 338 -10.01 17.60 42.06
CA PRO B 338 -9.95 17.76 43.51
C PRO B 338 -10.41 16.48 44.22
N HIS B 339 -9.60 16.00 45.17
CA HIS B 339 -9.83 14.76 45.96
C HIS B 339 -9.77 15.10 47.45
N ALA B 340 -10.92 15.17 48.11
CA ALA B 340 -11.04 15.31 49.58
C ALA B 340 -10.27 14.16 50.24
N GLY B 341 -9.26 14.49 51.05
CA GLY B 341 -8.37 13.53 51.72
C GLY B 341 -7.68 12.60 50.72
N SER B 342 -7.08 11.52 51.21
CA SER B 342 -6.27 10.54 50.44
C SER B 342 -7.13 9.88 49.36
N TYR B 343 -6.52 9.55 48.22
CA TYR B 343 -7.19 8.91 47.06
C TYR B 343 -6.15 8.17 46.21
N GLU B 344 -6.46 6.94 45.81
CA GLU B 344 -5.66 6.19 44.80
C GLU B 344 -6.48 6.07 43.51
N PRO B 345 -5.86 6.38 42.36
CA PRO B 345 -6.53 6.25 41.06
C PRO B 345 -6.95 4.80 40.78
N SER B 346 -8.14 4.61 40.19
CA SER B 346 -8.66 3.30 39.72
C SER B 346 -7.73 2.75 38.62
N TYR B 347 -7.85 1.46 38.29
CA TYR B 347 -7.02 0.80 37.26
C TYR B 347 -7.11 1.59 35.93
N LEU B 348 -8.32 2.05 35.60
CA LEU B 348 -8.60 2.71 34.30
C LEU B 348 -8.07 4.15 34.28
N GLU B 349 -8.09 4.85 35.41
CA GLU B 349 -7.54 6.21 35.56
C GLU B 349 -6.01 6.17 35.41
N ARG B 350 -5.42 5.08 35.89
CA ARG B 350 -3.95 4.91 36.07
C ARG B 350 -3.33 4.37 34.78
N ASN B 351 -4.11 3.65 33.95
CA ASN B 351 -3.54 2.85 32.83
C ASN B 351 -4.13 3.26 31.46
N LEU B 352 -5.04 4.24 31.43
CA LEU B 352 -5.58 4.81 30.16
C LEU B 352 -4.91 6.16 29.89
N VAL B 353 -4.00 6.21 28.92
CA VAL B 353 -3.17 7.42 28.58
C VAL B 353 -3.76 8.14 27.37
N GLY B 354 -4.77 7.56 26.70
CA GLY B 354 -5.38 8.23 25.53
C GLY B 354 -6.68 7.56 25.10
N LEU B 355 -7.66 8.39 24.78
CA LEU B 355 -9.00 7.95 24.36
C LEU B 355 -9.33 8.61 23.03
N HIS B 356 -9.58 7.81 21.99
CA HIS B 356 -9.88 8.23 20.60
C HIS B 356 -11.35 7.92 20.29
N THR B 357 -12.17 8.95 20.15
CA THR B 357 -13.63 8.80 19.92
C THR B 357 -13.99 9.31 18.53
N TYR B 358 -14.44 8.38 17.69
CA TYR B 358 -14.96 8.65 16.33
C TYR B 358 -16.43 8.21 16.26
N HIS B 359 -17.04 8.32 15.08
CA HIS B 359 -18.43 7.85 14.87
C HIS B 359 -18.50 6.33 14.98
N ASN B 360 -19.09 5.85 16.07
CA ASN B 360 -19.48 4.44 16.29
C ASN B 360 -18.28 3.61 16.75
N ILE B 361 -17.17 4.23 17.13
CA ILE B 361 -15.97 3.42 17.53
C ILE B 361 -15.11 4.26 18.48
N ALA B 362 -14.48 3.59 19.46
CA ALA B 362 -13.55 4.21 20.43
C ALA B 362 -12.30 3.34 20.60
N PHE B 363 -11.14 3.98 20.56
CA PHE B 363 -9.82 3.36 20.76
C PHE B 363 -9.25 3.84 22.09
N LEU B 364 -8.90 2.89 22.94
CA LEU B 364 -8.35 3.10 24.30
C LEU B 364 -6.88 2.70 24.29
N GLU B 365 -5.98 3.67 24.41
CA GLU B 365 -4.54 3.38 24.54
C GLU B 365 -4.24 3.03 26.01
N LYS B 366 -3.62 1.89 26.25
CA LYS B 366 -3.16 1.53 27.61
C LYS B 366 -1.72 2.00 27.75
N GLY B 367 -1.38 2.52 28.93
CA GLY B 367 -0.04 2.99 29.28
C GLY B 367 -0.02 3.52 30.69
N VAL B 368 1.15 3.88 31.20
CA VAL B 368 1.30 4.48 32.56
C VAL B 368 0.87 5.95 32.46
N ASN B 369 -0.23 6.29 33.13
CA ASN B 369 -0.80 7.66 33.15
C ASN B 369 -0.48 8.31 34.51
N ALA B 370 0.78 8.72 34.71
CA ALA B 370 1.29 9.33 35.96
C ALA B 370 2.41 10.31 35.65
N GLU B 371 2.06 11.47 35.11
CA GLU B 371 3.03 12.56 34.81
C GLU B 371 3.08 13.51 36.01
N GLY B 372 2.25 13.22 37.02
CA GLY B 372 1.97 14.13 38.15
C GLY B 372 1.05 15.27 37.70
N GLY B 373 0.09 15.62 38.56
CA GLY B 373 -0.82 16.75 38.33
C GLY B 373 -0.07 18.07 38.37
N VAL B 374 -0.75 19.17 38.11
CA VAL B 374 -0.10 20.50 38.13
C VAL B 374 0.39 20.77 39.55
N PRO B 375 1.70 21.08 39.73
CA PRO B 375 2.25 21.36 41.05
C PRO B 375 1.46 22.43 41.81
N ALA B 376 1.47 22.37 43.14
CA ALA B 376 0.74 23.28 44.04
C ALA B 376 1.29 24.70 43.90
N TRP B 377 2.55 24.84 43.47
CA TRP B 377 3.26 26.14 43.35
C TRP B 377 2.80 26.90 42.10
N VAL B 378 2.04 26.28 41.20
CA VAL B 378 1.43 26.97 40.02
C VAL B 378 0.17 27.70 40.50
N PRO B 379 0.07 29.01 40.22
CA PRO B 379 -1.09 29.82 40.61
C PRO B 379 -2.43 29.21 40.17
N ARG B 380 -3.45 29.27 41.05
CA ARG B 380 -4.81 28.73 40.82
C ARG B 380 -5.83 29.85 40.64
N SER B 381 -5.36 31.04 40.25
CA SER B 381 -6.18 32.21 39.85
C SER B 381 -5.41 32.99 38.76
N LEU B 382 -6.12 33.62 37.82
CA LEU B 382 -5.49 34.57 36.86
C LEU B 382 -5.15 35.85 37.63
N ASP B 383 -5.55 35.90 38.90
CA ASP B 383 -5.16 36.92 39.92
C ASP B 383 -3.63 36.92 40.10
N ASP B 384 -3.13 35.88 40.75
CA ASP B 384 -1.72 35.75 41.23
C ASP B 384 -0.73 35.77 40.06
N ILE B 385 -1.18 35.57 38.81
CA ILE B 385 -0.30 35.59 37.59
C ILE B 385 0.11 37.03 37.28
N LEU B 386 -0.87 37.95 37.19
CA LEU B 386 -0.64 39.39 36.86
C LEU B 386 -0.23 40.15 38.14
N HIS B 387 -0.20 39.45 39.28
CA HIS B 387 0.23 39.95 40.62
C HIS B 387 1.70 39.55 40.86
N LEU B 388 2.28 38.75 39.95
CA LEU B 388 3.69 38.29 40.00
C LEU B 388 4.50 39.02 38.91
#